data_6LBE
#
_entry.id   6LBE
#
_cell.length_a   53.190
_cell.length_b   65.270
_cell.length_c   69.710
_cell.angle_alpha   64.94
_cell.angle_beta   75.67
_cell.angle_gamma   73.61
#
_symmetry.space_group_name_H-M   'P 1'
#
loop_
_entity.id
_entity.type
_entity.pdbx_description
1 polymer 'MHC class I antigen'
2 polymer Beta-2-microglobulin
3 polymer '9-mer peptide from RNA-DIRECTED RNA POLYMERASE L'
4 water water
#
loop_
_entity_poly.entity_id
_entity_poly.type
_entity_poly.pdbx_seq_one_letter_code
_entity_poly.pdbx_strand_id
1 'polypeptide(L)'
;GTHSLKYVYTGVSRGIDFPEFTAVGMVDDGQFMYFDSNSMKAVPKTEWIRQNEGADYWDRQTQVLIGAHQVFKDSIQIVM
ERFNQSKGVHTWQNMYGCELNDDGTTQGFYQYAYDGEDFVSLDKNTLTWTAANPQAVITKHKWEALAVAEQNKGYLENTC
IEWLKKYVAYGKDTLERKVSPQVSLLQKDPSSPVTCHATGFYPSGVTITWQKNGQDHDEDVDLGELLPNEDGSFQRMSTL
NVGPDEWKNNRFSCVVEHQDKTIRKTEDDIITNFD
;
A,C
2 'polypeptide(L)'
;MRQSDPKVQVYSRNPGEYGKANVLICYVSGFHPPDITIQLLKNGVEIPGSTQTDLAFEEGWQFHLTKYVDFLPQPGEEYT
CRVRHMSSPTKSYTWEPDM
;
B,D
3 'polypeptide(L)' FANFCLMMI E,F
#
# COMPACT_ATOMS: atom_id res chain seq x y z
N GLY A 1 -15.91 -29.25 -2.29
CA GLY A 1 -15.16 -28.14 -1.71
C GLY A 1 -15.18 -26.89 -2.58
N THR A 2 -14.60 -25.81 -2.07
CA THR A 2 -14.45 -24.59 -2.83
C THR A 2 -13.21 -24.67 -3.71
N HIS A 3 -13.36 -24.35 -5.00
CA HIS A 3 -12.27 -24.44 -5.95
C HIS A 3 -12.27 -23.20 -6.83
N SER A 4 -11.07 -22.74 -7.23
CA SER A 4 -10.92 -21.50 -8.00
C SER A 4 -9.98 -21.69 -9.20
N LEU A 5 -10.23 -20.92 -10.25
CA LEU A 5 -9.39 -20.90 -11.45
C LEU A 5 -8.97 -19.47 -11.70
N LYS A 6 -7.67 -19.21 -11.75
CA LYS A 6 -7.15 -17.85 -11.84
C LYS A 6 -5.99 -17.80 -12.83
N TYR A 7 -5.81 -16.63 -13.43
CA TYR A 7 -4.69 -16.35 -14.32
C TYR A 7 -4.06 -15.02 -13.92
N VAL A 8 -2.73 -14.99 -13.84
CA VAL A 8 -1.98 -13.80 -13.47
C VAL A 8 -0.99 -13.51 -14.59
N TYR A 9 -1.11 -12.33 -15.18
CA TYR A 9 -0.24 -11.87 -16.27
C TYR A 9 0.69 -10.78 -15.74
N THR A 10 2.00 -11.04 -15.80
CA THR A 10 3.04 -10.06 -15.49
C THR A 10 3.64 -9.59 -16.81
N GLY A 11 3.42 -8.33 -17.15
CA GLY A 11 4.07 -7.72 -18.31
C GLY A 11 5.00 -6.61 -17.87
N VAL A 12 6.16 -6.53 -18.51
CA VAL A 12 7.21 -5.60 -18.07
C VAL A 12 7.84 -4.95 -19.30
N SER A 13 7.80 -3.62 -19.35
CA SER A 13 8.33 -2.92 -20.52
C SER A 13 9.84 -3.12 -20.66
N ARG A 14 10.62 -2.75 -19.63
CA ARG A 14 12.07 -2.61 -19.80
C ARG A 14 12.94 -3.41 -18.85
N GLY A 15 12.47 -4.57 -18.41
CA GLY A 15 13.25 -5.45 -17.57
C GLY A 15 14.32 -6.28 -18.27
N ILE A 16 15.05 -7.07 -17.47
CA ILE A 16 16.17 -7.87 -17.96
C ILE A 16 16.05 -9.34 -17.53
N ASP A 17 15.79 -9.57 -16.25
CA ASP A 17 15.86 -10.90 -15.70
C ASP A 17 14.68 -11.78 -16.09
N PHE A 18 13.59 -11.18 -16.55
CA PHE A 18 12.40 -11.95 -16.82
C PHE A 18 11.93 -11.67 -18.23
N PRO A 19 11.21 -12.62 -18.83
CA PRO A 19 10.56 -12.35 -20.11
C PRO A 19 9.66 -11.12 -20.01
N GLU A 20 9.43 -10.52 -21.18
CA GLU A 20 8.57 -9.34 -21.28
C GLU A 20 7.20 -9.59 -20.65
N PHE A 21 6.61 -10.75 -20.93
CA PHE A 21 5.23 -11.09 -20.58
C PHE A 21 5.23 -12.51 -20.01
N THR A 22 4.75 -12.67 -18.78
CA THR A 22 4.63 -13.97 -18.13
C THR A 22 3.16 -14.24 -17.81
N ALA A 23 2.70 -15.45 -18.12
CA ALA A 23 1.36 -15.88 -17.77
C ALA A 23 1.43 -17.16 -16.94
N VAL A 24 0.76 -17.16 -15.79
CA VAL A 24 0.68 -18.32 -14.92
C VAL A 24 -0.79 -18.63 -14.68
N GLY A 25 -1.13 -19.92 -14.75
CA GLY A 25 -2.48 -20.40 -14.44
C GLY A 25 -2.51 -21.27 -13.20
N MET A 26 -3.56 -21.10 -12.39
CA MET A 26 -3.62 -21.74 -11.07
C MET A 26 -5.00 -22.31 -10.79
N VAL A 27 -5.05 -23.54 -10.29
CA VAL A 27 -6.25 -24.09 -9.67
C VAL A 27 -5.99 -24.19 -8.17
N ASP A 28 -6.82 -23.53 -7.37
CA ASP A 28 -6.67 -23.45 -5.92
C ASP A 28 -5.33 -22.82 -5.55
N ASP A 29 -4.98 -21.80 -6.31
CA ASP A 29 -3.77 -21.02 -6.17
C ASP A 29 -2.51 -21.86 -6.33
N GLY A 30 -2.61 -22.98 -7.05
CA GLY A 30 -1.45 -23.79 -7.42
C GLY A 30 -1.25 -23.79 -8.93
N GLN A 31 -0.03 -23.52 -9.35
CA GLN A 31 0.29 -23.46 -10.78
C GLN A 31 -0.06 -24.76 -11.47
N PHE A 32 -0.83 -24.67 -12.56
CA PHE A 32 -1.01 -25.83 -13.44
C PHE A 32 -0.57 -25.54 -14.87
N MET A 33 -0.21 -24.32 -15.20
CA MET A 33 0.28 -23.99 -16.54
C MET A 33 1.14 -22.76 -16.48
N TYR A 34 2.04 -22.65 -17.46
CA TYR A 34 2.93 -21.51 -17.61
C TYR A 34 3.01 -21.15 -19.09
N PHE A 35 3.34 -19.89 -19.34
CA PHE A 35 3.57 -19.33 -20.66
C PHE A 35 4.44 -18.09 -20.48
N ASP A 36 5.35 -17.82 -21.43
CA ASP A 36 6.05 -16.55 -21.42
C ASP A 36 6.44 -16.18 -22.83
N SER A 37 6.87 -14.93 -23.00
CA SER A 37 7.19 -14.42 -24.32
C SER A 37 8.51 -14.95 -24.88
N ASN A 38 9.40 -15.50 -24.05
CA ASN A 38 10.59 -16.14 -24.62
C ASN A 38 10.20 -17.42 -25.36
N SER A 39 9.55 -18.37 -24.66
CA SER A 39 9.14 -19.61 -25.33
C SER A 39 8.01 -19.39 -26.32
N MET A 40 7.19 -18.35 -26.13
CA MET A 40 5.97 -18.14 -26.92
C MET A 40 5.14 -19.41 -26.98
N LYS A 41 5.16 -20.17 -25.89
CA LYS A 41 4.51 -21.48 -25.83
C LYS A 41 3.89 -21.67 -24.45
N ALA A 42 2.67 -22.19 -24.41
CA ALA A 42 1.96 -22.48 -23.16
C ALA A 42 2.12 -23.95 -22.83
N VAL A 43 2.64 -24.26 -21.64
CA VAL A 43 3.07 -25.62 -21.32
C VAL A 43 2.39 -26.08 -20.03
N PRO A 44 2.34 -27.35 -19.79
CA PRO A 44 1.78 -27.83 -18.55
C PRO A 44 2.72 -27.85 -17.37
N LYS A 45 2.15 -27.71 -16.20
CA LYS A 45 2.86 -27.69 -14.92
C LYS A 45 2.34 -28.63 -13.89
N THR A 46 1.41 -29.48 -14.20
CA THR A 46 0.93 -30.53 -13.31
C THR A 46 0.70 -31.81 -14.11
N GLU A 47 0.76 -32.96 -13.48
CA GLU A 47 0.49 -34.16 -14.26
C GLU A 47 -0.97 -34.21 -14.71
N TRP A 48 -1.92 -33.81 -13.86
CA TRP A 48 -3.31 -34.02 -14.23
C TRP A 48 -3.70 -33.22 -15.46
N ILE A 49 -3.11 -32.04 -15.67
CA ILE A 49 -3.45 -31.27 -16.85
C ILE A 49 -2.73 -31.80 -18.08
N ARG A 50 -1.57 -32.46 -17.93
CA ARG A 50 -0.89 -32.97 -19.11
C ARG A 50 -1.47 -34.31 -19.55
N GLN A 51 -1.87 -35.15 -18.59
CA GLN A 51 -2.53 -36.42 -18.92
C GLN A 51 -3.87 -36.20 -19.60
N ASN A 52 -4.48 -35.04 -19.43
CA ASN A 52 -5.89 -34.85 -19.75
C ASN A 52 -6.19 -33.85 -20.86
N GLU A 53 -5.18 -33.19 -21.43
CA GLU A 53 -5.39 -32.22 -22.50
C GLU A 53 -4.26 -32.36 -23.52
N GLY A 54 -4.63 -32.65 -24.78
CA GLY A 54 -3.66 -32.95 -25.81
C GLY A 54 -3.19 -31.74 -26.59
N ALA A 55 -2.34 -32.01 -27.58
CA ALA A 55 -1.65 -30.96 -28.35
C ALA A 55 -2.59 -29.83 -28.76
N ASP A 56 -3.84 -30.16 -29.09
CA ASP A 56 -4.79 -29.16 -29.56
C ASP A 56 -5.07 -28.13 -28.49
N TYR A 57 -5.15 -28.55 -27.23
CA TYR A 57 -5.41 -27.62 -26.14
C TYR A 57 -4.24 -26.66 -25.95
N TRP A 58 -3.02 -27.19 -25.92
CA TRP A 58 -1.84 -26.35 -25.74
C TRP A 58 -1.60 -25.45 -26.94
N ASP A 59 -2.02 -25.88 -28.13
CA ASP A 59 -1.90 -25.03 -29.30
C ASP A 59 -2.82 -23.81 -29.19
N ARG A 60 -4.10 -24.04 -28.91
CA ARG A 60 -4.99 -22.90 -28.87
C ARG A 60 -4.74 -22.03 -27.63
N GLN A 61 -4.16 -22.59 -26.58
CA GLN A 61 -3.82 -21.76 -25.43
C GLN A 61 -2.63 -20.85 -25.74
N THR A 62 -1.64 -21.36 -26.46
CA THR A 62 -0.53 -20.53 -26.90
C THR A 62 -0.99 -19.41 -27.84
N GLN A 63 -1.87 -19.74 -28.78
CA GLN A 63 -2.43 -18.72 -29.66
C GLN A 63 -3.03 -17.58 -28.84
N VAL A 64 -3.92 -17.94 -27.91
CA VAL A 64 -4.59 -16.92 -27.10
C VAL A 64 -3.58 -16.10 -26.31
N LEU A 65 -2.53 -16.76 -25.82
CA LEU A 65 -1.59 -16.00 -25.00
C LEU A 65 -0.63 -15.18 -25.84
N ILE A 66 -0.36 -15.56 -27.10
CA ILE A 66 0.36 -14.62 -27.97
C ILE A 66 -0.51 -13.41 -28.30
N GLY A 67 -1.82 -13.58 -28.35
CA GLY A 67 -2.69 -12.41 -28.44
C GLY A 67 -2.62 -11.54 -27.19
N ALA A 68 -2.54 -12.18 -26.01
CA ALA A 68 -2.43 -11.44 -24.76
C ALA A 68 -1.11 -10.66 -24.68
N HIS A 69 -0.02 -11.24 -25.17
CA HIS A 69 1.26 -10.53 -25.13
C HIS A 69 1.20 -9.28 -26.01
N GLN A 70 0.67 -9.40 -27.22
CA GLN A 70 0.59 -8.25 -28.10
C GLN A 70 -0.28 -7.16 -27.49
N VAL A 71 -1.48 -7.54 -27.02
CA VAL A 71 -2.37 -6.55 -26.39
C VAL A 71 -1.69 -5.90 -25.20
N PHE A 72 -0.88 -6.65 -24.43
CA PHE A 72 -0.13 -6.03 -23.34
C PHE A 72 0.88 -5.03 -23.88
N LYS A 73 1.70 -5.44 -24.85
CA LYS A 73 2.72 -4.56 -25.43
C LYS A 73 2.14 -3.22 -25.85
N ASP A 74 1.01 -3.23 -26.54
CA ASP A 74 0.36 -1.97 -26.87
C ASP A 74 -0.17 -1.30 -25.62
N SER A 75 -0.87 -2.06 -24.78
CA SER A 75 -1.56 -1.47 -23.64
C SER A 75 -0.61 -0.66 -22.76
N ILE A 76 0.62 -1.15 -22.56
CA ILE A 76 1.49 -0.46 -21.61
C ILE A 76 2.10 0.83 -22.20
N GLN A 77 2.27 0.92 -23.53
CA GLN A 77 2.81 2.17 -24.05
C GLN A 77 1.81 3.33 -23.88
N ILE A 78 0.51 3.05 -23.82
CA ILE A 78 -0.47 4.12 -23.64
C ILE A 78 -0.51 4.61 -22.21
N VAL A 79 -0.50 3.67 -21.25
CA VAL A 79 -0.63 4.06 -19.84
C VAL A 79 0.61 4.80 -19.39
N MET A 80 1.77 4.47 -19.97
CA MET A 80 2.95 5.30 -19.74
C MET A 80 2.71 6.73 -20.21
N GLU A 81 2.21 6.90 -21.45
CA GLU A 81 1.96 8.23 -21.98
C GLU A 81 0.99 9.02 -21.10
N ARG A 82 -0.14 8.41 -20.73
CA ARG A 82 -1.12 9.13 -19.92
C ARG A 82 -0.53 9.64 -18.61
N PHE A 83 0.44 8.91 -18.06
CA PHE A 83 1.10 9.31 -16.83
C PHE A 83 2.35 10.14 -17.08
N ASN A 84 2.65 10.45 -18.34
CA ASN A 84 3.78 11.30 -18.69
C ASN A 84 5.18 10.72 -18.44
N GLN A 85 5.29 9.42 -18.71
CA GLN A 85 6.47 8.62 -18.36
C GLN A 85 7.05 7.95 -19.61
N SER A 86 7.94 8.63 -20.30
CA SER A 86 8.52 8.11 -21.52
C SER A 86 9.78 7.39 -21.24
N LYS A 87 10.20 7.33 -20.00
CA LYS A 87 11.42 6.60 -19.73
C LYS A 87 11.26 5.68 -18.56
N GLY A 88 11.84 4.48 -18.68
CA GLY A 88 11.87 3.54 -17.59
C GLY A 88 11.30 2.18 -17.63
N VAL A 89 11.39 1.48 -16.51
CA VAL A 89 10.84 0.15 -16.35
C VAL A 89 9.49 0.35 -15.74
N HIS A 90 8.46 -0.21 -16.33
CA HIS A 90 7.10 -0.08 -15.83
C HIS A 90 6.42 -1.46 -15.91
N THR A 91 5.44 -1.78 -15.06
CA THR A 91 4.80 -3.08 -15.13
C THR A 91 3.32 -2.93 -15.46
N TRP A 92 2.82 -3.89 -16.23
CA TRP A 92 1.40 -4.04 -16.48
C TRP A 92 1.01 -5.41 -15.97
N GLN A 93 0.02 -5.45 -15.08
CA GLN A 93 -0.43 -6.67 -14.41
C GLN A 93 -1.93 -6.88 -14.65
N ASN A 94 -2.31 -8.13 -14.88
CA ASN A 94 -3.70 -8.53 -15.07
C ASN A 94 -3.96 -9.83 -14.33
N MET A 95 -5.03 -9.85 -13.51
CA MET A 95 -5.43 -11.10 -12.89
C MET A 95 -6.94 -11.21 -12.88
N TYR A 96 -7.44 -12.39 -13.25
CA TYR A 96 -8.85 -12.66 -13.28
C TYR A 96 -9.05 -14.08 -12.83
N GLY A 97 -10.29 -14.45 -12.52
CA GLY A 97 -10.55 -15.85 -12.28
C GLY A 97 -11.92 -16.12 -11.69
N CYS A 98 -12.09 -17.40 -11.37
CA CYS A 98 -13.35 -18.05 -11.01
C CYS A 98 -13.31 -18.53 -9.59
N GLU A 99 -14.49 -18.68 -9.01
CA GLU A 99 -14.65 -19.45 -7.79
C GLU A 99 -15.96 -20.25 -7.85
N LEU A 100 -15.89 -21.51 -7.44
CA LEU A 100 -17.05 -22.37 -7.38
C LEU A 100 -17.11 -23.01 -5.99
N ASN A 101 -18.19 -22.76 -5.25
CA ASN A 101 -18.30 -23.26 -3.88
C ASN A 101 -19.10 -24.56 -3.84
N ASP A 102 -19.35 -25.03 -2.61
CA ASP A 102 -20.24 -26.17 -2.41
C ASP A 102 -21.68 -25.81 -2.78
N ASP A 103 -22.08 -24.56 -2.49
CA ASP A 103 -23.41 -24.04 -2.84
C ASP A 103 -23.81 -24.37 -4.26
N GLY A 104 -22.82 -24.49 -5.14
CA GLY A 104 -23.05 -24.29 -6.55
C GLY A 104 -22.95 -22.84 -6.97
N THR A 105 -22.75 -21.92 -6.01
CA THR A 105 -22.65 -20.50 -6.32
C THR A 105 -21.25 -20.16 -6.83
N THR A 106 -21.18 -19.03 -7.52
CA THR A 106 -19.97 -18.66 -8.24
C THR A 106 -19.61 -17.22 -7.94
N GLN A 107 -18.31 -16.92 -8.09
CA GLN A 107 -17.77 -15.60 -7.90
C GLN A 107 -16.66 -15.42 -8.91
N GLY A 108 -16.37 -14.17 -9.23
CA GLY A 108 -15.31 -13.90 -10.18
C GLY A 108 -14.89 -12.46 -10.11
N PHE A 109 -13.69 -12.21 -10.63
CA PHE A 109 -13.09 -10.88 -10.64
C PHE A 109 -12.26 -10.75 -11.89
N TYR A 110 -11.98 -9.50 -12.27
CA TYR A 110 -11.17 -9.18 -13.44
C TYR A 110 -10.49 -7.85 -13.14
N GLN A 111 -9.16 -7.84 -13.02
CA GLN A 111 -8.49 -6.65 -12.50
C GLN A 111 -7.18 -6.36 -13.23
N TYR A 112 -6.90 -5.08 -13.41
CA TYR A 112 -5.64 -4.62 -13.99
C TYR A 112 -4.98 -3.63 -13.05
N ALA A 113 -3.67 -3.45 -13.20
CA ALA A 113 -2.93 -2.54 -12.34
C ALA A 113 -1.69 -2.09 -13.09
N TYR A 114 -1.28 -0.86 -12.84
CA TYR A 114 -0.13 -0.28 -13.51
C TYR A 114 0.89 0.13 -12.45
N ASP A 115 2.14 -0.26 -12.67
CA ASP A 115 3.21 -0.04 -11.70
C ASP A 115 2.84 -0.56 -10.31
N GLY A 116 2.07 -1.65 -10.28
CA GLY A 116 1.70 -2.25 -9.01
C GLY A 116 0.57 -1.57 -8.26
N GLU A 117 -0.32 -0.85 -8.96
CA GLU A 117 -1.37 -0.07 -8.30
C GLU A 117 -2.64 -0.09 -9.15
N ASP A 118 -3.78 -0.20 -8.47
CA ASP A 118 -5.06 -0.41 -9.15
C ASP A 118 -5.26 0.55 -10.32
N PHE A 119 -5.54 -0.03 -11.49
CA PHE A 119 -5.86 0.75 -12.68
C PHE A 119 -7.36 0.68 -12.95
N VAL A 120 -7.84 -0.43 -13.48
CA VAL A 120 -9.27 -0.68 -13.67
C VAL A 120 -9.59 -2.08 -13.16
N SER A 121 -10.84 -2.27 -12.72
CA SER A 121 -11.31 -3.54 -12.19
C SER A 121 -12.79 -3.69 -12.51
N LEU A 122 -13.22 -4.90 -12.84
CA LEU A 122 -14.58 -5.12 -13.26
C LEU A 122 -15.53 -5.32 -12.08
N ASP A 123 -16.70 -4.69 -12.15
CA ASP A 123 -17.86 -5.05 -11.34
C ASP A 123 -18.87 -5.66 -12.29
N LYS A 124 -19.06 -6.97 -12.19
CA LYS A 124 -19.94 -7.66 -13.11
C LYS A 124 -21.38 -7.73 -12.60
N ASN A 125 -21.65 -7.15 -11.42
CA ASN A 125 -23.02 -6.85 -11.03
C ASN A 125 -23.60 -5.75 -11.94
N THR A 126 -22.86 -4.66 -12.13
CA THR A 126 -23.39 -3.55 -12.88
C THR A 126 -22.82 -3.42 -14.29
N LEU A 127 -21.87 -4.28 -14.69
CA LEU A 127 -21.22 -4.20 -16.00
C LEU A 127 -20.58 -2.84 -16.19
N THR A 128 -19.75 -2.45 -15.22
CA THR A 128 -19.04 -1.18 -15.21
C THR A 128 -17.62 -1.44 -14.72
N TRP A 129 -16.70 -0.56 -15.11
CA TRP A 129 -15.29 -0.67 -14.75
C TRP A 129 -14.95 0.43 -13.75
N THR A 130 -14.32 0.05 -12.65
CA THR A 130 -13.96 1.02 -11.62
C THR A 130 -12.60 1.60 -11.95
N ALA A 131 -12.57 2.89 -12.29
CA ALA A 131 -11.31 3.57 -12.55
C ALA A 131 -10.72 4.09 -11.23
N ALA A 132 -9.40 3.96 -11.09
CA ALA A 132 -8.75 4.40 -9.86
C ALA A 132 -8.08 5.76 -10.00
N ASN A 133 -8.03 6.32 -11.19
CA ASN A 133 -7.54 7.69 -11.36
C ASN A 133 -8.06 8.21 -12.68
N PRO A 134 -7.97 9.54 -12.91
CA PRO A 134 -8.19 10.12 -14.25
C PRO A 134 -7.58 9.31 -15.39
N GLN A 135 -6.32 8.90 -15.24
CA GLN A 135 -5.64 8.16 -16.31
C GLN A 135 -6.36 6.86 -16.66
N ALA A 136 -7.15 6.33 -15.73
CA ALA A 136 -7.93 5.13 -15.98
C ALA A 136 -9.32 5.45 -16.50
N VAL A 137 -9.83 6.65 -16.22
CA VAL A 137 -11.16 7.00 -16.69
C VAL A 137 -11.19 6.94 -18.21
N ILE A 138 -10.07 7.20 -18.88
CA ILE A 138 -10.05 7.11 -20.33
C ILE A 138 -10.35 5.68 -20.79
N THR A 139 -9.85 4.68 -20.04
CA THR A 139 -10.15 3.28 -20.36
C THR A 139 -11.58 2.91 -19.97
N LYS A 140 -12.05 3.34 -18.80
CA LYS A 140 -13.42 3.07 -18.39
C LYS A 140 -14.41 3.51 -19.46
N HIS A 141 -14.19 4.71 -20.02
CA HIS A 141 -15.11 5.21 -21.04
C HIS A 141 -15.03 4.38 -22.31
N LYS A 142 -13.82 3.96 -22.68
CA LYS A 142 -13.64 3.20 -23.90
C LYS A 142 -14.27 1.81 -23.77
N TRP A 143 -13.94 1.09 -22.71
CA TRP A 143 -14.42 -0.28 -22.59
C TRP A 143 -15.92 -0.34 -22.35
N GLU A 144 -16.49 0.66 -21.68
CA GLU A 144 -17.93 0.62 -21.43
C GLU A 144 -18.71 0.91 -22.71
N ALA A 145 -18.12 1.66 -23.63
CA ALA A 145 -18.69 1.87 -24.96
C ALA A 145 -18.53 0.66 -25.88
N LEU A 146 -17.81 -0.37 -25.46
CA LEU A 146 -17.40 -1.43 -26.36
C LEU A 146 -17.91 -2.81 -25.95
N ALA A 147 -18.57 -2.93 -24.79
CA ALA A 147 -19.07 -4.22 -24.29
C ALA A 147 -17.92 -5.18 -23.98
N VAL A 148 -16.85 -4.66 -23.38
CA VAL A 148 -15.79 -5.53 -22.86
C VAL A 148 -16.26 -6.22 -21.58
N ALA A 149 -17.03 -5.51 -20.76
CA ALA A 149 -17.55 -6.10 -19.53
C ALA A 149 -18.52 -7.23 -19.87
N GLU A 150 -19.26 -7.08 -20.97
CA GLU A 150 -20.18 -8.13 -21.36
C GLU A 150 -19.44 -9.42 -21.64
N GLN A 151 -18.37 -9.34 -22.46
CA GLN A 151 -17.58 -10.51 -22.74
C GLN A 151 -16.92 -11.05 -21.48
N ASN A 152 -16.25 -10.18 -20.71
CA ASN A 152 -15.50 -10.65 -19.54
C ASN A 152 -16.40 -11.36 -18.56
N LYS A 153 -17.62 -10.85 -18.38
CA LYS A 153 -18.57 -11.44 -17.45
C LYS A 153 -19.09 -12.76 -17.96
N GLY A 154 -19.33 -12.87 -19.27
CA GLY A 154 -19.66 -14.17 -19.83
C GLY A 154 -18.57 -15.19 -19.58
N TYR A 155 -17.31 -14.75 -19.72
CA TYR A 155 -16.18 -15.63 -19.45
C TYR A 155 -16.18 -16.10 -18.00
N LEU A 156 -16.32 -15.18 -17.05
CA LEU A 156 -16.08 -15.54 -15.65
C LEU A 156 -17.16 -16.45 -15.11
N GLU A 157 -18.40 -16.25 -15.55
CA GLU A 157 -19.55 -16.95 -14.99
C GLU A 157 -19.84 -18.27 -15.70
N ASN A 158 -19.54 -18.37 -17.00
CA ASN A 158 -19.79 -19.60 -17.74
C ASN A 158 -18.50 -20.27 -18.18
N THR A 159 -17.76 -19.69 -19.13
CA THR A 159 -16.61 -20.38 -19.71
C THR A 159 -15.61 -20.82 -18.64
N CYS A 160 -15.26 -19.92 -17.73
CA CYS A 160 -14.22 -20.22 -16.76
C CYS A 160 -14.72 -21.21 -15.71
N ILE A 161 -16.02 -21.23 -15.42
CA ILE A 161 -16.56 -22.25 -14.53
C ILE A 161 -16.59 -23.61 -15.22
N GLU A 162 -16.94 -23.64 -16.51
CA GLU A 162 -16.93 -24.91 -17.25
C GLU A 162 -15.55 -25.53 -17.25
N TRP A 163 -14.52 -24.72 -17.50
CA TRP A 163 -13.14 -25.23 -17.52
C TRP A 163 -12.69 -25.60 -16.10
N LEU A 164 -13.10 -24.82 -15.11
CA LEU A 164 -12.82 -25.12 -13.71
C LEU A 164 -13.32 -26.50 -13.32
N LYS A 165 -14.57 -26.85 -13.71
CA LYS A 165 -15.13 -28.13 -13.30
C LYS A 165 -14.37 -29.31 -13.92
N LYS A 166 -13.99 -29.20 -15.19
CA LYS A 166 -13.12 -30.22 -15.75
C LYS A 166 -11.82 -30.34 -14.98
N TYR A 167 -11.26 -29.20 -14.55
CA TYR A 167 -9.95 -29.20 -13.91
C TYR A 167 -10.01 -29.86 -12.53
N VAL A 168 -11.09 -29.62 -11.78
CA VAL A 168 -11.22 -30.32 -10.50
C VAL A 168 -11.47 -31.82 -10.73
N ALA A 169 -12.04 -32.18 -11.87
CA ALA A 169 -12.17 -33.61 -12.20
C ALA A 169 -10.81 -34.20 -12.56
N TYR A 170 -10.12 -33.59 -13.53
CA TYR A 170 -8.79 -34.04 -13.92
C TYR A 170 -7.89 -34.20 -12.71
N GLY A 171 -7.95 -33.27 -11.77
CA GLY A 171 -7.01 -33.23 -10.67
C GLY A 171 -7.60 -33.62 -9.34
N LYS A 172 -8.66 -34.44 -9.38
CA LYS A 172 -9.52 -34.66 -8.21
C LYS A 172 -8.74 -35.22 -7.01
N ASP A 173 -7.72 -36.02 -7.26
CA ASP A 173 -6.96 -36.61 -6.15
C ASP A 173 -6.09 -35.56 -5.46
N THR A 174 -5.28 -34.83 -6.23
CA THR A 174 -4.45 -33.78 -5.65
C THR A 174 -5.31 -32.67 -5.05
N LEU A 175 -6.32 -32.20 -5.80
CA LEU A 175 -7.03 -30.97 -5.43
C LEU A 175 -7.88 -31.15 -4.20
N GLU A 176 -8.40 -32.36 -3.98
CA GLU A 176 -9.26 -32.62 -2.84
C GLU A 176 -8.51 -33.25 -1.69
N ARG A 177 -7.17 -33.33 -1.80
CA ARG A 177 -6.32 -33.92 -0.78
C ARG A 177 -6.41 -33.11 0.52
N LYS A 178 -6.33 -33.82 1.63
CA LYS A 178 -6.39 -33.21 2.96
C LYS A 178 -5.19 -33.78 3.71
N VAL A 179 -4.18 -32.95 3.96
CA VAL A 179 -2.98 -33.42 4.65
C VAL A 179 -2.82 -32.66 5.96
N SER A 180 -2.59 -33.40 7.03
CA SER A 180 -2.50 -32.86 8.37
C SER A 180 -1.17 -32.16 8.58
N PRO A 181 -1.12 -31.23 9.53
CA PRO A 181 0.16 -30.67 9.94
C PRO A 181 1.01 -31.69 10.70
N GLN A 182 2.31 -31.53 10.56
CA GLN A 182 3.26 -32.04 11.55
C GLN A 182 3.59 -30.87 12.45
N VAL A 183 3.38 -31.05 13.75
CA VAL A 183 3.44 -29.95 14.71
C VAL A 183 4.53 -30.27 15.71
N SER A 184 5.30 -29.25 16.08
CA SER A 184 6.37 -29.40 17.05
C SER A 184 6.45 -28.17 17.92
N LEU A 185 6.96 -28.37 19.14
CA LEU A 185 7.30 -27.28 20.03
C LEU A 185 8.81 -27.16 20.06
N LEU A 186 9.31 -25.99 19.70
CA LEU A 186 10.73 -25.78 19.49
C LEU A 186 11.31 -24.86 20.56
N GLN A 187 12.57 -25.08 20.92
CA GLN A 187 13.25 -24.14 21.78
C GLN A 187 14.74 -24.18 21.49
N LYS A 188 15.34 -23.00 21.28
CA LYS A 188 16.77 -22.93 21.01
C LYS A 188 17.61 -23.23 22.26
N ASP A 189 17.25 -22.66 23.40
CA ASP A 189 17.98 -22.88 24.64
C ASP A 189 17.00 -22.82 25.80
N PRO A 190 17.40 -23.29 27.00
CA PRO A 190 16.41 -23.52 28.08
C PRO A 190 15.65 -22.28 28.53
N SER A 191 16.11 -21.08 28.17
CA SER A 191 15.46 -19.83 28.54
C SER A 191 14.77 -19.12 27.39
N SER A 192 15.11 -19.46 26.13
CA SER A 192 14.55 -18.95 24.88
C SER A 192 13.02 -18.96 24.88
N PRO A 193 12.39 -18.07 24.12
CA PRO A 193 10.98 -18.27 23.80
C PRO A 193 10.74 -19.62 23.15
N VAL A 194 9.48 -20.06 23.16
CA VAL A 194 9.10 -21.37 22.66
C VAL A 194 8.21 -21.19 21.44
N THR A 195 8.40 -22.06 20.45
CA THR A 195 7.79 -21.88 19.13
C THR A 195 6.92 -23.08 18.81
N CYS A 196 5.66 -22.81 18.50
CA CYS A 196 4.77 -23.84 17.99
C CYS A 196 4.85 -23.83 16.47
N HIS A 197 5.35 -24.91 15.89
CA HIS A 197 5.63 -24.98 14.47
C HIS A 197 4.68 -25.98 13.83
N ALA A 198 3.97 -25.57 12.80
CA ALA A 198 3.09 -26.48 12.08
C ALA A 198 3.45 -26.39 10.61
N THR A 199 3.58 -27.55 9.96
CA THR A 199 4.13 -27.65 8.62
C THR A 199 3.59 -28.89 7.92
N GLY A 200 3.55 -28.83 6.59
CA GLY A 200 3.16 -29.95 5.76
C GLY A 200 1.67 -30.08 5.49
N PHE A 201 0.94 -29.04 5.74
CA PHE A 201 -0.48 -29.09 5.59
C PHE A 201 -1.13 -28.50 4.36
N TYR A 202 -2.29 -29.02 4.06
CA TYR A 202 -3.10 -28.56 2.98
C TYR A 202 -4.50 -28.95 3.19
N PRO A 203 -5.44 -28.06 2.98
CA PRO A 203 -5.35 -26.66 2.52
C PRO A 203 -4.69 -25.71 3.51
N SER A 204 -4.46 -24.47 3.08
CA SER A 204 -3.67 -23.51 3.83
C SER A 204 -4.27 -22.96 5.12
N GLY A 205 -5.55 -23.21 5.37
CA GLY A 205 -6.18 -22.70 6.58
C GLY A 205 -5.69 -23.48 7.78
N VAL A 206 -5.03 -22.80 8.72
CA VAL A 206 -4.59 -23.40 9.96
C VAL A 206 -4.95 -22.43 11.07
N THR A 207 -5.12 -22.96 12.27
CA THR A 207 -5.28 -22.11 13.45
C THR A 207 -4.25 -22.54 14.49
N ILE A 208 -3.45 -21.60 14.97
CA ILE A 208 -2.50 -21.85 16.04
C ILE A 208 -2.88 -20.96 17.21
N THR A 209 -3.22 -21.58 18.33
CA THR A 209 -3.59 -20.89 19.56
C THR A 209 -2.66 -21.35 20.67
N TRP A 210 -2.21 -20.39 21.48
CA TRP A 210 -1.56 -20.71 22.74
C TRP A 210 -2.60 -20.80 23.87
N GLN A 211 -2.26 -21.56 24.89
CA GLN A 211 -3.15 -21.69 26.03
C GLN A 211 -2.37 -21.56 27.33
N LYS A 212 -2.99 -20.85 28.26
CA LYS A 212 -2.55 -20.75 29.64
C LYS A 212 -3.56 -21.51 30.48
N ASN A 213 -3.11 -22.59 31.12
CA ASN A 213 -3.94 -23.39 32.03
C ASN A 213 -5.26 -23.79 31.37
N GLY A 214 -5.18 -24.28 30.14
CA GLY A 214 -6.35 -24.76 29.45
C GLY A 214 -7.25 -23.70 28.83
N GLN A 215 -6.86 -22.41 28.85
CA GLN A 215 -7.68 -21.37 28.23
C GLN A 215 -6.85 -20.54 27.23
N ASP A 216 -7.51 -20.02 26.20
CA ASP A 216 -6.78 -19.34 25.15
C ASP A 216 -6.11 -18.07 25.69
N HIS A 217 -4.88 -17.82 25.24
CA HIS A 217 -4.04 -16.76 25.78
C HIS A 217 -3.33 -16.04 24.63
N ASP A 218 -3.72 -14.79 24.40
CA ASP A 218 -3.21 -14.00 23.28
C ASP A 218 -2.33 -12.85 23.76
N GLU A 219 -1.63 -13.04 24.87
CA GLU A 219 -0.59 -12.14 25.32
C GLU A 219 0.77 -12.72 24.94
N ASP A 220 1.69 -11.86 24.48
CA ASP A 220 3.08 -12.25 24.23
C ASP A 220 3.22 -13.25 23.10
N VAL A 221 2.22 -13.32 22.23
CA VAL A 221 2.17 -14.26 21.13
C VAL A 221 2.50 -13.51 19.84
N ASP A 222 3.42 -14.08 19.06
CA ASP A 222 3.77 -13.56 17.76
C ASP A 222 3.42 -14.65 16.77
N LEU A 223 2.26 -14.52 16.13
CA LEU A 223 1.89 -15.47 15.09
C LEU A 223 2.64 -15.11 13.83
N GLY A 224 3.45 -16.03 13.34
CA GLY A 224 4.18 -15.84 12.10
C GLY A 224 3.26 -15.88 10.89
N GLU A 225 3.87 -15.60 9.73
CA GLU A 225 3.15 -15.56 8.46
C GLU A 225 2.84 -16.96 7.95
N LEU A 226 1.81 -17.05 7.10
CA LEU A 226 1.58 -18.26 6.32
C LEU A 226 2.61 -18.34 5.19
N LEU A 227 3.42 -19.38 5.23
CA LEU A 227 4.52 -19.54 4.29
C LEU A 227 4.29 -20.80 3.47
N PRO A 228 4.86 -20.90 2.27
CA PRO A 228 4.78 -22.15 1.52
C PRO A 228 5.99 -23.04 1.70
N ASN A 229 5.78 -24.34 1.52
CA ASN A 229 6.85 -25.32 1.38
C ASN A 229 6.96 -25.68 -0.10
N GLU A 230 7.86 -26.62 -0.42
CA GLU A 230 8.26 -26.93 -1.79
C GLU A 230 7.28 -27.82 -2.54
N ASP A 231 6.40 -28.50 -1.82
CA ASP A 231 5.31 -29.30 -2.37
C ASP A 231 4.04 -28.45 -2.24
N GLY A 232 2.90 -28.99 -2.59
CA GLY A 232 1.79 -28.07 -2.45
C GLY A 232 1.44 -27.55 -1.08
N SER A 233 2.19 -27.94 -0.05
CA SER A 233 1.79 -27.71 1.33
C SER A 233 2.39 -26.41 1.88
N PHE A 234 1.91 -26.03 3.07
CA PHE A 234 2.21 -24.75 3.69
C PHE A 234 2.68 -24.98 5.12
N GLN A 235 3.22 -23.94 5.73
CA GLN A 235 3.64 -23.99 7.13
C GLN A 235 3.38 -22.64 7.76
N ARG A 236 3.22 -22.65 9.09
CA ARG A 236 3.02 -21.43 9.86
C ARG A 236 3.45 -21.73 11.28
N MET A 237 3.98 -20.73 11.97
CA MET A 237 4.42 -20.90 13.34
C MET A 237 3.99 -19.71 14.20
N SER A 238 3.91 -19.96 15.50
CA SER A 238 3.58 -18.95 16.49
C SER A 238 4.62 -18.99 17.60
N THR A 239 4.90 -17.83 18.21
CA THR A 239 5.90 -17.80 19.27
C THR A 239 5.36 -17.15 20.54
N LEU A 240 5.46 -17.89 21.64
CA LEU A 240 5.15 -17.38 22.96
C LEU A 240 6.43 -16.83 23.58
N ASN A 241 6.41 -15.56 23.96
CA ASN A 241 7.60 -14.84 24.42
C ASN A 241 7.26 -14.48 25.87
N VAL A 242 7.51 -15.42 26.80
CA VAL A 242 7.32 -15.20 28.22
C VAL A 242 8.60 -15.68 28.88
N GLY A 243 8.92 -15.10 30.04
CA GLY A 243 10.04 -15.56 30.81
C GLY A 243 9.74 -16.93 31.39
N PRO A 244 10.70 -17.91 31.26
CA PRO A 244 10.45 -19.29 31.71
C PRO A 244 10.08 -19.42 33.19
N ASP A 245 10.08 -18.31 33.92
CA ASP A 245 9.49 -18.35 35.25
C ASP A 245 7.97 -18.32 35.19
N GLU A 246 7.40 -17.52 34.28
CA GLU A 246 5.98 -17.69 33.96
C GLU A 246 5.72 -19.07 33.39
N TRP A 247 6.73 -19.69 32.77
CA TRP A 247 6.63 -21.08 32.33
C TRP A 247 6.50 -22.02 33.52
N LYS A 248 7.24 -21.75 34.61
CA LYS A 248 7.14 -22.56 35.81
C LYS A 248 5.73 -22.49 36.39
N ASN A 249 5.29 -21.30 36.76
CA ASN A 249 4.04 -21.05 37.48
C ASN A 249 2.81 -21.25 36.66
N ASN A 250 2.89 -21.76 35.43
CA ASN A 250 1.71 -21.94 34.60
C ASN A 250 1.95 -23.12 33.67
N ARG A 251 0.85 -23.63 33.09
CA ARG A 251 0.88 -24.75 32.16
C ARG A 251 0.47 -24.22 30.78
N PHE A 252 1.46 -23.87 29.98
CA PHE A 252 1.22 -23.41 28.63
C PHE A 252 1.14 -24.59 27.69
N SER A 253 0.19 -24.55 26.76
CA SER A 253 0.10 -25.53 25.69
C SER A 253 -0.16 -24.82 24.38
N CYS A 254 0.22 -25.47 23.29
CA CYS A 254 -0.08 -25.02 21.96
C CYS A 254 -1.17 -25.90 21.35
N VAL A 255 -2.09 -25.28 20.61
CA VAL A 255 -3.18 -26.00 19.98
C VAL A 255 -3.20 -25.62 18.52
N VAL A 256 -3.12 -26.62 17.66
CA VAL A 256 -3.15 -26.40 16.22
C VAL A 256 -4.40 -27.07 15.67
N GLU A 257 -5.19 -26.30 14.95
CA GLU A 257 -6.44 -26.79 14.41
C GLU A 257 -6.38 -26.66 12.89
N HIS A 258 -6.69 -27.75 12.21
CA HIS A 258 -6.61 -27.81 10.76
C HIS A 258 -7.67 -28.77 10.27
N GLN A 259 -8.55 -28.31 9.38
CA GLN A 259 -9.62 -29.12 8.82
C GLN A 259 -10.41 -29.71 10.00
N ASP A 260 -10.74 -31.00 9.98
CA ASP A 260 -11.52 -31.64 11.02
C ASP A 260 -10.65 -32.17 12.18
N LYS A 261 -9.41 -31.69 12.34
CA LYS A 261 -8.44 -32.30 13.22
C LYS A 261 -7.86 -31.27 14.17
N THR A 262 -7.41 -31.74 15.33
CA THR A 262 -6.83 -30.88 16.36
C THR A 262 -5.67 -31.60 17.04
N ILE A 263 -4.53 -30.90 17.14
CA ILE A 263 -3.31 -31.40 17.74
C ILE A 263 -2.91 -30.46 18.87
N ARG A 264 -2.33 -31.02 19.92
CA ARG A 264 -2.06 -30.34 21.18
C ARG A 264 -0.65 -30.67 21.62
N LYS A 265 0.08 -29.66 22.07
CA LYS A 265 1.47 -29.85 22.52
C LYS A 265 1.67 -29.15 23.85
N THR A 266 2.46 -29.76 24.73
CA THR A 266 2.76 -29.22 26.05
C THR A 266 4.28 -29.17 26.22
N GLU A 267 4.75 -28.75 27.41
CA GLU A 267 6.18 -28.62 27.64
C GLU A 267 6.92 -29.95 27.52
N ASP A 268 6.22 -31.09 27.64
CA ASP A 268 6.87 -32.38 27.51
C ASP A 268 7.33 -32.66 26.08
N ASP A 269 6.77 -31.95 25.09
CA ASP A 269 7.09 -32.18 23.70
C ASP A 269 8.29 -31.39 23.20
N ILE A 270 8.73 -30.36 23.94
CA ILE A 270 9.80 -29.47 23.48
C ILE A 270 11.02 -30.21 22.95
N ILE A 271 11.33 -30.04 21.66
CA ILE A 271 12.57 -30.53 21.08
C ILE A 271 13.53 -29.35 20.89
N THR A 272 14.80 -29.67 20.69
CA THR A 272 15.84 -28.63 20.73
C THR A 272 17.12 -29.19 20.13
N ASN A 273 17.93 -28.28 19.57
CA ASN A 273 19.26 -28.64 19.11
C ASN A 273 20.28 -28.54 20.21
N PHE A 274 20.00 -27.76 21.24
CA PHE A 274 20.86 -27.62 22.41
C PHE A 274 20.92 -28.91 23.21
N ARG B 2 7.89 3.29 -9.39
CA ARG B 2 7.92 2.78 -8.02
C ARG B 2 9.02 1.73 -7.86
N GLN B 3 9.62 1.64 -6.68
CA GLN B 3 10.58 0.59 -6.39
C GLN B 3 10.42 0.14 -4.94
N SER B 4 10.10 -1.14 -4.76
CA SER B 4 9.92 -1.74 -3.44
C SER B 4 11.07 -2.72 -3.20
N ASP B 5 11.65 -2.65 -2.00
CA ASP B 5 12.70 -3.60 -1.63
C ASP B 5 12.12 -4.99 -1.37
N PRO B 6 12.89 -6.03 -1.63
CA PRO B 6 12.41 -7.39 -1.32
C PRO B 6 12.40 -7.67 0.17
N LYS B 7 11.27 -8.18 0.63
CA LYS B 7 11.18 -8.88 1.92
C LYS B 7 11.65 -10.31 1.72
N VAL B 8 12.51 -10.81 2.61
CA VAL B 8 13.14 -12.11 2.39
C VAL B 8 13.02 -12.96 3.65
N GLN B 9 12.58 -14.20 3.49
CA GLN B 9 12.38 -15.12 4.60
C GLN B 9 13.03 -16.46 4.29
N VAL B 10 13.99 -16.86 5.11
CA VAL B 10 14.71 -18.12 4.98
C VAL B 10 14.24 -19.05 6.10
N TYR B 11 13.82 -20.25 5.71
CA TYR B 11 13.34 -21.24 6.68
C TYR B 11 13.52 -22.62 6.09
N SER B 12 13.32 -23.63 6.95
CA SER B 12 13.32 -25.03 6.55
C SER B 12 11.89 -25.57 6.56
N ARG B 13 11.64 -26.56 5.70
CA ARG B 13 10.31 -27.16 5.66
C ARG B 13 9.93 -27.76 7.01
N ASN B 14 10.77 -28.64 7.53
CA ASN B 14 10.67 -29.19 8.87
C ASN B 14 11.58 -28.44 9.84
N PRO B 15 11.32 -28.56 11.15
CA PRO B 15 12.18 -27.91 12.15
C PRO B 15 13.65 -28.23 11.95
N GLY B 16 14.47 -27.20 12.11
CA GLY B 16 15.87 -27.30 11.78
C GLY B 16 16.67 -28.17 12.70
N GLU B 17 16.37 -29.46 12.74
CA GLU B 17 17.12 -30.41 13.54
C GLU B 17 18.42 -30.80 12.86
N TYR B 18 19.54 -30.66 13.56
CA TYR B 18 20.84 -31.07 13.05
C TYR B 18 20.86 -32.56 12.69
N GLY B 19 21.51 -32.88 11.56
CA GLY B 19 21.64 -34.24 11.14
C GLY B 19 20.45 -34.84 10.42
N LYS B 20 19.35 -34.11 10.28
CA LYS B 20 18.15 -34.65 9.65
C LYS B 20 17.94 -34.00 8.29
N ALA B 21 17.78 -34.82 7.25
CA ALA B 21 17.55 -34.30 5.90
C ALA B 21 16.27 -33.48 5.89
N ASN B 22 16.29 -32.37 5.16
CA ASN B 22 15.30 -31.33 5.27
C ASN B 22 15.31 -30.54 3.97
N VAL B 23 14.49 -29.50 3.88
CA VAL B 23 14.42 -28.67 2.68
C VAL B 23 14.61 -27.21 3.08
N LEU B 24 15.64 -26.58 2.50
CA LEU B 24 15.89 -25.15 2.69
C LEU B 24 15.03 -24.34 1.72
N ILE B 25 14.36 -23.31 2.22
CA ILE B 25 13.39 -22.55 1.43
C ILE B 25 13.62 -21.06 1.59
N CYS B 26 13.62 -20.33 0.48
CA CYS B 26 13.71 -18.86 0.43
C CYS B 26 12.45 -18.32 -0.23
N TYR B 27 11.66 -17.57 0.53
CA TYR B 27 10.44 -16.95 0.02
C TYR B 27 10.66 -15.44 -0.05
N VAL B 28 10.47 -14.85 -1.23
CA VAL B 28 10.84 -13.48 -1.51
C VAL B 28 9.61 -12.77 -2.05
N SER B 29 9.28 -11.62 -1.49
CA SER B 29 7.99 -11.04 -1.83
C SER B 29 8.03 -9.54 -1.65
N GLY B 30 7.07 -8.88 -2.28
CA GLY B 30 6.89 -7.44 -2.19
C GLY B 30 7.96 -6.61 -2.86
N PHE B 31 8.65 -7.18 -3.84
CA PHE B 31 9.67 -6.44 -4.58
C PHE B 31 9.08 -5.89 -5.86
N HIS B 32 9.59 -4.74 -6.30
CA HIS B 32 9.03 -4.16 -7.50
C HIS B 32 10.02 -3.17 -8.09
N PRO B 33 10.16 -3.09 -9.42
CA PRO B 33 9.72 -4.01 -10.48
C PRO B 33 10.33 -5.43 -10.33
N PRO B 34 9.90 -6.39 -11.17
CA PRO B 34 10.21 -7.80 -10.88
C PRO B 34 11.68 -8.21 -10.91
N ASP B 35 12.57 -7.51 -11.62
CA ASP B 35 13.92 -8.03 -11.88
C ASP B 35 14.59 -8.43 -10.56
N ILE B 36 14.91 -9.73 -10.41
CA ILE B 36 15.40 -10.26 -9.14
C ILE B 36 16.10 -11.59 -9.38
N THR B 37 17.08 -11.89 -8.53
CA THR B 37 17.84 -13.14 -8.57
C THR B 37 17.95 -13.69 -7.16
N ILE B 38 17.83 -15.02 -7.03
CA ILE B 38 17.85 -15.68 -5.73
C ILE B 38 18.78 -16.87 -5.77
N GLN B 39 19.67 -16.99 -4.80
CA GLN B 39 20.49 -18.17 -4.64
C GLN B 39 20.49 -18.66 -3.19
N LEU B 40 20.58 -19.97 -3.03
CA LEU B 40 20.80 -20.61 -1.74
C LEU B 40 22.22 -21.15 -1.70
N LEU B 41 22.94 -20.90 -0.60
CA LEU B 41 24.34 -21.28 -0.49
C LEU B 41 24.60 -22.00 0.83
N LYS B 42 25.64 -22.85 0.82
CA LYS B 42 26.19 -23.48 2.02
C LYS B 42 27.61 -22.95 2.19
N ASN B 43 27.82 -22.16 3.23
CA ASN B 43 29.12 -21.55 3.50
C ASN B 43 29.61 -20.75 2.30
N GLY B 44 28.70 -19.99 1.70
CA GLY B 44 29.05 -19.15 0.57
C GLY B 44 29.16 -19.86 -0.75
N VAL B 45 28.88 -21.16 -0.81
CA VAL B 45 28.97 -21.93 -2.03
C VAL B 45 27.57 -22.35 -2.43
N GLU B 46 27.17 -21.96 -3.65
CA GLU B 46 25.85 -22.28 -4.16
C GLU B 46 25.58 -23.78 -4.11
N ILE B 47 24.43 -24.15 -3.55
CA ILE B 47 24.03 -25.55 -3.49
C ILE B 47 23.42 -25.94 -4.84
N PRO B 48 23.90 -26.99 -5.49
CA PRO B 48 23.31 -27.38 -6.77
C PRO B 48 21.94 -28.02 -6.61
N GLY B 49 21.10 -27.81 -7.62
CA GLY B 49 19.83 -28.52 -7.70
C GLY B 49 18.63 -27.81 -7.11
N SER B 50 18.68 -26.50 -6.96
CA SER B 50 17.56 -25.71 -6.43
C SER B 50 16.50 -25.46 -7.50
N THR B 51 15.26 -25.28 -7.05
CA THR B 51 14.13 -24.99 -7.91
C THR B 51 13.65 -23.57 -7.61
N GLN B 52 13.19 -22.87 -8.64
CA GLN B 52 12.62 -21.54 -8.44
C GLN B 52 11.24 -21.52 -9.09
N THR B 53 10.23 -21.16 -8.30
CA THR B 53 8.89 -21.09 -8.83
C THR B 53 8.80 -20.03 -9.92
N ASP B 54 7.73 -20.08 -10.70
CA ASP B 54 7.52 -19.10 -11.75
C ASP B 54 6.94 -17.81 -11.17
N LEU B 55 7.38 -16.69 -11.72
CA LEU B 55 7.00 -15.39 -11.17
C LEU B 55 5.48 -15.18 -11.23
N ALA B 56 4.92 -14.74 -10.11
CA ALA B 56 3.47 -14.68 -9.96
C ALA B 56 3.17 -13.73 -8.82
N PHE B 57 1.89 -13.37 -8.70
CA PHE B 57 1.48 -12.43 -7.68
C PHE B 57 0.05 -12.73 -7.28
N GLU B 58 -0.29 -12.27 -6.08
CA GLU B 58 -1.62 -12.38 -5.48
C GLU B 58 -2.31 -11.01 -5.56
N GLU B 59 -3.53 -10.92 -5.00
CA GLU B 59 -4.51 -9.95 -5.48
C GLU B 59 -4.13 -8.48 -5.19
N GLY B 60 -3.26 -8.21 -4.23
CA GLY B 60 -2.79 -6.85 -4.01
C GLY B 60 -1.56 -6.49 -4.82
N TRP B 61 -1.29 -7.28 -5.87
CA TRP B 61 -0.28 -6.99 -6.88
C TRP B 61 1.14 -7.20 -6.41
N GLN B 62 1.35 -7.82 -5.24
CA GLN B 62 2.69 -8.06 -4.72
C GLN B 62 3.27 -9.32 -5.35
N PHE B 63 4.46 -9.17 -5.95
CA PHE B 63 5.16 -10.32 -6.52
C PHE B 63 5.69 -11.22 -5.44
N HIS B 64 5.79 -12.50 -5.73
CA HIS B 64 6.40 -13.42 -4.78
C HIS B 64 7.07 -14.54 -5.55
N LEU B 65 8.16 -15.05 -4.96
CA LEU B 65 8.95 -16.08 -5.59
C LEU B 65 9.50 -16.96 -4.48
N THR B 66 9.70 -18.23 -4.79
CA THR B 66 10.27 -19.19 -3.85
C THR B 66 11.44 -19.90 -4.50
N LYS B 67 12.47 -20.19 -3.71
CA LYS B 67 13.51 -21.13 -4.11
C LYS B 67 13.75 -22.10 -2.97
N TYR B 68 13.95 -23.37 -3.32
CA TYR B 68 14.18 -24.39 -2.32
C TYR B 68 15.18 -25.41 -2.85
N VAL B 69 15.75 -26.17 -1.93
CA VAL B 69 16.78 -27.15 -2.24
C VAL B 69 16.87 -28.12 -1.07
N ASP B 70 17.19 -29.37 -1.36
CA ASP B 70 17.45 -30.29 -0.26
C ASP B 70 18.71 -29.84 0.49
N PHE B 71 18.71 -30.06 1.80
CA PHE B 71 19.92 -29.83 2.57
C PHE B 71 19.87 -30.72 3.81
N LEU B 72 21.01 -30.81 4.48
CA LEU B 72 21.12 -31.61 5.70
C LEU B 72 21.95 -30.84 6.71
N PRO B 73 21.36 -30.14 7.63
CA PRO B 73 21.98 -29.03 8.36
C PRO B 73 22.82 -29.69 9.45
N GLN B 74 24.09 -29.30 9.52
CA GLN B 74 24.97 -29.72 10.58
C GLN B 74 25.53 -28.50 11.29
N PRO B 75 25.87 -28.64 12.58
CA PRO B 75 26.43 -27.51 13.34
C PRO B 75 27.63 -26.88 12.63
N GLY B 76 27.74 -25.56 12.77
CA GLY B 76 28.83 -24.83 12.18
C GLY B 76 28.70 -24.60 10.69
N GLU B 77 27.68 -25.15 10.05
CA GLU B 77 27.41 -24.81 8.66
C GLU B 77 26.55 -23.55 8.60
N GLU B 78 26.85 -22.68 7.66
CA GLU B 78 26.12 -21.43 7.51
C GLU B 78 25.35 -21.50 6.20
N TYR B 79 24.02 -21.53 6.31
CA TYR B 79 23.14 -21.56 5.16
C TYR B 79 22.57 -20.18 4.92
N THR B 80 22.44 -19.83 3.64
CA THR B 80 22.30 -18.44 3.26
C THR B 80 21.41 -18.36 2.04
N CYS B 81 20.55 -17.37 2.03
CA CYS B 81 19.83 -16.95 0.85
C CYS B 81 20.38 -15.60 0.46
N ARG B 82 20.81 -15.46 -0.80
CA ARG B 82 21.33 -14.22 -1.35
C ARG B 82 20.38 -13.71 -2.42
N VAL B 83 19.98 -12.45 -2.29
CA VAL B 83 18.97 -11.84 -3.14
C VAL B 83 19.56 -10.59 -3.81
N ARG B 84 19.37 -10.49 -5.13
CA ARG B 84 19.81 -9.34 -5.89
C ARG B 84 18.59 -8.79 -6.63
N HIS B 85 18.17 -7.59 -6.26
CA HIS B 85 17.00 -6.97 -6.86
C HIS B 85 17.42 -5.74 -7.64
N MET B 86 17.05 -5.68 -8.91
CA MET B 86 17.39 -4.59 -9.76
C MET B 86 18.89 -4.40 -9.80
N SER B 87 19.34 -3.18 -9.65
CA SER B 87 20.76 -2.89 -9.60
C SER B 87 21.27 -2.69 -8.21
N SER B 88 20.43 -2.97 -7.26
CA SER B 88 20.83 -2.87 -5.86
C SER B 88 21.94 -3.89 -5.59
N PRO B 89 22.66 -3.73 -4.50
CA PRO B 89 23.71 -4.70 -4.18
C PRO B 89 23.08 -6.01 -3.72
N THR B 90 23.84 -7.08 -3.91
CA THR B 90 23.37 -8.41 -3.53
C THR B 90 23.31 -8.53 -2.01
N LYS B 91 22.15 -8.94 -1.51
CA LYS B 91 21.91 -8.96 -0.07
C LYS B 91 21.72 -10.39 0.41
N SER B 92 22.34 -10.70 1.55
CA SER B 92 22.47 -12.05 2.06
C SER B 92 21.73 -12.19 3.38
N TYR B 93 21.00 -13.30 3.54
CA TYR B 93 20.12 -13.54 4.67
C TYR B 93 20.41 -14.95 5.18
N THR B 94 20.72 -15.06 6.48
CA THR B 94 21.26 -16.29 7.05
C THR B 94 20.15 -17.14 7.68
N TRP B 95 20.10 -18.40 7.28
CA TRP B 95 19.09 -19.27 7.86
C TRP B 95 19.38 -19.50 9.34
N GLU B 96 18.39 -19.21 10.18
CA GLU B 96 18.47 -19.45 11.61
C GLU B 96 17.47 -20.52 12.00
N PRO B 97 17.91 -21.68 12.49
CA PRO B 97 16.95 -22.67 13.01
C PRO B 97 16.18 -22.15 14.22
N ASP B 98 14.95 -22.62 14.35
CA ASP B 98 14.08 -22.21 15.44
C ASP B 98 14.18 -23.15 16.63
N MET B 99 15.06 -24.14 16.56
CA MET B 99 15.35 -25.04 17.66
C MET B 99 16.85 -25.12 17.88
N GLY C 1 -17.39 20.74 17.75
CA GLY C 1 -16.81 19.94 16.68
C GLY C 1 -15.64 19.09 17.11
N THR C 2 -15.25 18.14 16.26
CA THR C 2 -14.00 17.40 16.47
C THR C 2 -12.80 18.32 16.17
N HIS C 3 -11.82 18.30 17.06
CA HIS C 3 -10.52 18.92 16.84
C HIS C 3 -9.44 17.88 17.07
N SER C 4 -8.24 18.16 16.53
CA SER C 4 -7.10 17.23 16.63
C SER C 4 -5.79 17.99 16.75
N LEU C 5 -4.85 17.40 17.51
CA LEU C 5 -3.49 17.93 17.65
C LEU C 5 -2.50 16.87 17.19
N LYS C 6 -1.71 17.18 16.16
CA LYS C 6 -0.83 16.21 15.52
C LYS C 6 0.57 16.78 15.33
N TYR C 7 1.57 15.92 15.50
CA TYR C 7 2.97 16.21 15.20
C TYR C 7 3.46 15.19 14.20
N VAL C 8 4.15 15.63 13.15
CA VAL C 8 4.80 14.72 12.21
C VAL C 8 6.28 15.06 12.15
N TYR C 9 7.12 14.04 12.24
CA TYR C 9 8.55 14.19 12.09
C TYR C 9 9.00 13.47 10.82
N THR C 10 9.75 14.18 9.99
CA THR C 10 10.49 13.58 8.91
C THR C 10 11.97 13.66 9.26
N GLY C 11 12.65 12.54 9.18
CA GLY C 11 14.11 12.52 9.28
C GLY C 11 14.72 11.83 8.08
N VAL C 12 15.88 12.34 7.64
CA VAL C 12 16.50 11.88 6.39
C VAL C 12 18.00 11.68 6.59
N SER C 13 18.49 10.47 6.35
CA SER C 13 19.93 10.25 6.28
C SER C 13 20.42 10.69 4.89
N ARG C 14 21.17 11.79 4.86
CA ARG C 14 21.69 12.35 3.61
C ARG C 14 20.58 12.65 2.61
N PHE C 18 16.42 19.07 1.60
CA PHE C 18 15.71 19.25 2.87
C PHE C 18 16.65 19.00 4.08
N PRO C 19 16.34 19.64 5.20
CA PRO C 19 17.10 19.41 6.42
C PRO C 19 16.96 17.98 6.94
N GLU C 20 18.01 17.53 7.64
CA GLU C 20 18.05 16.17 8.17
C GLU C 20 16.79 15.83 8.99
N PHE C 21 16.30 16.79 9.78
CA PHE C 21 15.14 16.56 10.65
C PHE C 21 14.18 17.72 10.53
N THR C 22 12.92 17.42 10.23
CA THR C 22 11.87 18.42 10.10
C THR C 22 10.71 17.99 10.97
N ALA C 23 10.23 18.90 11.83
CA ALA C 23 9.12 18.62 12.72
C ALA C 23 8.04 19.67 12.52
N VAL C 24 6.81 19.22 12.30
CA VAL C 24 5.67 20.09 12.05
C VAL C 24 4.55 19.69 13.00
N GLY C 25 3.95 20.67 13.66
CA GLY C 25 2.82 20.44 14.54
C GLY C 25 1.56 21.06 13.93
N MET C 26 0.43 20.39 14.13
CA MET C 26 -0.80 20.78 13.46
C MET C 26 -1.99 20.72 14.40
N VAL C 27 -2.89 21.68 14.24
CA VAL C 27 -4.20 21.66 14.87
C VAL C 27 -5.23 21.64 13.75
N ASP C 28 -6.13 20.65 13.80
CA ASP C 28 -7.12 20.38 12.74
C ASP C 28 -6.50 20.34 11.35
N ASP C 29 -5.36 19.65 11.26
CA ASP C 29 -4.61 19.43 10.02
C ASP C 29 -4.07 20.70 9.40
N GLY C 30 -4.04 21.80 10.14
CA GLY C 30 -3.40 23.02 9.69
C GLY C 30 -2.15 23.25 10.54
N GLN C 31 -1.03 23.48 9.85
CA GLN C 31 0.24 23.69 10.53
C GLN C 31 0.17 24.87 11.48
N PHE C 32 0.75 24.72 12.66
CA PHE C 32 0.90 25.86 13.56
C PHE C 32 2.30 26.04 14.12
N MET C 33 3.18 25.08 13.96
CA MET C 33 4.53 25.19 14.47
C MET C 33 5.44 24.49 13.48
N TYR C 34 6.69 24.95 13.39
CA TYR C 34 7.66 24.37 12.47
C TYR C 34 9.00 24.27 13.17
N PHE C 35 9.75 23.22 12.83
CA PHE C 35 11.09 22.99 13.36
C PHE C 35 11.90 22.19 12.35
N ASP C 36 13.16 22.56 12.17
CA ASP C 36 14.08 21.73 11.41
C ASP C 36 15.46 21.75 12.06
N SER C 37 16.28 20.78 11.66
CA SER C 37 17.64 20.68 12.18
C SER C 37 18.59 21.70 11.55
N ASN C 38 18.14 22.45 10.55
CA ASN C 38 19.01 23.49 10.00
C ASN C 38 18.91 24.77 10.81
N SER C 39 17.75 25.09 11.36
CA SER C 39 17.59 26.26 12.22
C SER C 39 17.61 25.93 13.70
N MET C 40 17.24 24.70 14.09
CA MET C 40 17.23 24.28 15.49
C MET C 40 16.43 25.26 16.35
N LYS C 41 15.35 25.77 15.77
CA LYS C 41 14.41 26.65 16.44
C LYS C 41 12.99 26.18 16.12
N ALA C 42 12.14 26.15 17.16
CA ALA C 42 10.72 25.88 16.99
C ALA C 42 10.01 27.22 16.86
N VAL C 43 9.38 27.46 15.71
CA VAL C 43 8.87 28.78 15.38
C VAL C 43 7.38 28.72 15.10
N PRO C 44 6.63 29.80 15.36
CA PRO C 44 5.18 29.79 15.15
C PRO C 44 4.80 29.97 13.69
N LYS C 45 3.63 29.41 13.35
CA LYS C 45 3.16 29.35 11.96
C LYS C 45 1.71 29.75 11.80
N THR C 46 1.00 30.05 12.89
CA THR C 46 -0.28 30.73 12.83
C THR C 46 -0.15 31.97 13.72
N GLU C 47 -1.00 32.96 13.45
CA GLU C 47 -0.93 34.13 14.30
C GLU C 47 -1.46 33.81 15.70
N TRP C 48 -2.35 32.83 15.81
CA TRP C 48 -2.96 32.57 17.12
C TRP C 48 -2.01 31.87 18.08
N ILE C 49 -1.05 31.06 17.62
CA ILE C 49 -0.06 30.58 18.57
C ILE C 49 1.01 31.64 18.83
N ARG C 50 1.36 32.45 17.83
CA ARG C 50 2.30 33.54 18.03
C ARG C 50 1.82 34.46 19.15
N GLN C 51 0.57 34.89 19.09
CA GLN C 51 0.06 35.88 20.02
C GLN C 51 -0.22 35.32 21.40
N ASN C 52 -0.07 34.01 21.61
CA ASN C 52 -0.52 33.42 22.87
C ASN C 52 0.54 32.64 23.63
N GLU C 53 1.73 32.43 23.06
CA GLU C 53 2.80 31.76 23.78
C GLU C 53 4.06 32.59 23.70
N GLY C 54 4.65 32.84 24.86
CA GLY C 54 5.85 33.66 24.96
C GLY C 54 7.11 32.86 24.72
N ALA C 55 8.23 33.52 25.00
CA ALA C 55 9.51 33.02 24.53
C ALA C 55 9.91 31.75 25.27
N ASP C 56 9.42 31.55 26.49
CA ASP C 56 9.78 30.34 27.23
C ASP C 56 9.17 29.11 26.59
N TYR C 57 7.92 29.21 26.13
CA TYR C 57 7.29 28.09 25.44
C TYR C 57 8.07 27.70 24.20
N TRP C 58 8.44 28.67 23.37
CA TRP C 58 9.23 28.37 22.19
C TRP C 58 10.59 27.81 22.57
N ASP C 59 11.17 28.33 23.64
CA ASP C 59 12.45 27.80 24.10
C ASP C 59 12.31 26.34 24.53
N ARG C 60 11.36 26.07 25.43
CA ARG C 60 11.02 24.71 25.82
C ARG C 60 10.79 23.82 24.62
N GLN C 61 9.97 24.29 23.67
CA GLN C 61 9.66 23.48 22.50
C GLN C 61 10.88 23.26 21.61
N THR C 62 11.80 24.23 21.58
CA THR C 62 13.07 24.00 20.88
C THR C 62 13.89 22.92 21.57
N GLN C 63 14.02 22.98 22.91
CA GLN C 63 14.81 21.99 23.63
C GLN C 63 14.29 20.58 23.38
N VAL C 64 12.97 20.39 23.39
CA VAL C 64 12.40 19.06 23.23
C VAL C 64 12.70 18.52 21.84
N LEU C 65 12.57 19.35 20.82
CA LEU C 65 12.76 18.90 19.45
C LEU C 65 14.24 18.74 19.10
N ILE C 66 15.13 19.46 19.78
CA ILE C 66 16.54 19.11 19.68
C ILE C 66 16.77 17.71 20.20
N GLY C 67 16.14 17.39 21.34
CA GLY C 67 16.17 16.03 21.81
C GLY C 67 15.67 15.05 20.77
N ALA C 68 14.56 15.39 20.12
CA ALA C 68 14.02 14.52 19.09
C ALA C 68 15.01 14.34 17.95
N HIS C 69 15.65 15.43 17.51
CA HIS C 69 16.61 15.35 16.41
C HIS C 69 17.74 14.38 16.73
N GLN C 70 18.21 14.34 17.98
CA GLN C 70 19.32 13.45 18.30
C GLN C 70 18.85 12.01 18.54
N VAL C 71 17.62 11.80 19.00
CA VAL C 71 17.13 10.42 19.06
C VAL C 71 16.89 9.89 17.65
N PHE C 72 16.42 10.75 16.74
CA PHE C 72 16.25 10.33 15.36
C PHE C 72 17.58 9.89 14.76
N LYS C 73 18.59 10.76 14.79
CA LYS C 73 19.91 10.44 14.22
C LYS C 73 20.41 9.09 14.69
N ASP C 74 20.27 8.81 16.00
CA ASP C 74 20.67 7.51 16.50
C ASP C 74 19.74 6.41 16.00
N SER C 75 18.44 6.67 15.94
CA SER C 75 17.52 5.59 15.60
C SER C 75 17.70 5.14 14.14
N ILE C 76 17.66 6.10 13.20
CA ILE C 76 17.82 5.75 11.79
C ILE C 76 19.12 4.99 11.56
N GLN C 77 20.21 5.40 12.23
CA GLN C 77 21.45 4.65 12.15
C GLN C 77 21.26 3.19 12.58
N ILE C 78 20.36 2.93 13.53
CA ILE C 78 20.14 1.55 14.00
C ILE C 78 19.29 0.75 13.01
N VAL C 79 18.11 1.28 12.67
CA VAL C 79 17.20 0.51 11.82
C VAL C 79 17.84 0.22 10.47
N MET C 80 18.71 1.12 9.99
CA MET C 80 19.45 0.87 8.75
C MET C 80 20.33 -0.38 8.89
N GLU C 81 21.19 -0.42 9.92
CA GLU C 81 22.01 -1.62 10.11
C GLU C 81 21.15 -2.86 10.35
N ARG C 82 19.95 -2.71 10.89
CA ARG C 82 19.06 -3.86 11.00
C ARG C 82 18.59 -4.34 9.64
N PHE C 83 18.72 -3.50 8.62
CA PHE C 83 18.30 -3.81 7.27
C PHE C 83 19.48 -3.96 6.31
N ASN C 84 20.71 -3.96 6.84
CA ASN C 84 21.91 -4.20 6.05
C ASN C 84 22.09 -3.09 5.01
N GLN C 85 21.70 -1.87 5.38
CA GLN C 85 21.78 -0.76 4.43
C GLN C 85 22.61 0.46 4.86
N SER C 86 23.17 1.08 3.84
CA SER C 86 24.01 2.27 3.90
C SER C 86 23.91 3.03 2.57
N LYS C 87 22.99 2.60 1.75
CA LYS C 87 22.92 2.94 0.33
C LYS C 87 22.12 4.24 0.19
N GLY C 88 22.79 5.37 0.43
CA GLY C 88 22.23 6.70 0.27
C GLY C 88 21.08 7.21 1.13
N VAL C 89 19.94 7.30 0.51
CA VAL C 89 18.82 7.93 1.10
C VAL C 89 17.82 7.10 1.80
N HIS C 90 17.57 7.45 3.04
CA HIS C 90 16.61 6.65 3.79
C HIS C 90 15.87 7.56 4.75
N THR C 91 14.61 7.18 5.06
CA THR C 91 13.77 8.06 5.87
C THR C 91 13.26 7.38 7.12
N TRP C 92 13.03 8.23 8.11
CA TRP C 92 12.48 7.89 9.40
C TRP C 92 11.36 8.87 9.67
N GLN C 93 10.14 8.37 9.81
CA GLN C 93 8.97 9.19 10.09
C GLN C 93 8.38 8.83 11.44
N ASN C 94 7.95 9.84 12.19
CA ASN C 94 7.20 9.65 13.44
C ASN C 94 5.97 10.55 13.44
N MET C 95 4.80 9.95 13.58
CA MET C 95 3.54 10.67 13.55
C MET C 95 2.71 10.29 14.77
N TYR C 96 2.29 11.29 15.55
CA TYR C 96 1.48 11.03 16.74
C TYR C 96 0.58 12.22 16.98
N GLY C 97 -0.58 11.98 17.60
CA GLY C 97 -1.43 13.06 18.05
C GLY C 97 -2.71 12.56 18.68
N CYS C 98 -3.55 13.51 19.08
CA CYS C 98 -4.77 13.20 19.80
C CYS C 98 -5.96 13.89 19.17
N GLU C 99 -7.13 13.26 19.30
CA GLU C 99 -8.38 13.81 18.82
C GLU C 99 -9.34 14.01 20.01
N LEU C 100 -9.87 15.22 20.14
CA LEU C 100 -10.94 15.52 21.09
C LEU C 100 -12.25 15.58 20.31
N ASN C 101 -13.09 14.58 20.48
CA ASN C 101 -14.37 14.60 19.82
C ASN C 101 -15.32 15.60 20.47
N ASP C 102 -16.34 16.01 19.71
CA ASP C 102 -17.39 16.86 20.25
C ASP C 102 -18.15 16.21 21.42
N ASP C 103 -18.15 14.87 21.51
CA ASP C 103 -18.71 14.20 22.67
C ASP C 103 -17.99 14.59 23.95
N GLY C 104 -16.74 14.98 23.84
CA GLY C 104 -15.82 14.92 24.95
C GLY C 104 -14.89 13.72 24.89
N THR C 105 -15.21 12.70 24.11
CA THR C 105 -14.39 11.51 23.99
C THR C 105 -13.12 11.79 23.18
N THR C 106 -12.22 10.81 23.21
CA THR C 106 -10.82 11.03 22.92
C THR C 106 -10.29 9.85 22.13
N GLN C 107 -9.44 10.14 21.13
CA GLN C 107 -8.67 9.14 20.38
C GLN C 107 -7.19 9.50 20.48
N GLY C 108 -6.34 8.67 19.90
CA GLY C 108 -4.91 8.93 19.97
C GLY C 108 -4.17 7.91 19.14
N PHE C 109 -2.90 8.16 18.86
CA PHE C 109 -2.14 7.28 17.96
C PHE C 109 -0.68 7.67 18.07
N TYR C 110 0.18 6.67 17.90
CA TYR C 110 1.63 6.82 18.04
C TYR C 110 2.18 5.82 17.05
N GLN C 111 2.82 6.29 15.98
CA GLN C 111 3.32 5.37 14.98
C GLN C 111 4.63 5.84 14.38
N TYR C 112 5.47 4.87 14.03
CA TYR C 112 6.75 5.14 13.43
C TYR C 112 6.84 4.39 12.11
N ALA C 113 7.63 4.95 11.18
CA ALA C 113 7.80 4.30 9.89
C ALA C 113 9.26 4.39 9.47
N TYR C 114 9.73 3.34 8.80
CA TYR C 114 11.04 3.33 8.14
C TYR C 114 10.84 3.22 6.63
N ASP C 115 11.54 4.09 5.89
CA ASP C 115 11.38 4.20 4.42
C ASP C 115 9.90 4.11 4.02
N GLY C 116 9.08 4.89 4.70
CA GLY C 116 7.67 5.03 4.35
C GLY C 116 6.81 3.81 4.56
N GLU C 117 7.20 2.96 5.47
CA GLU C 117 6.46 1.79 5.82
C GLU C 117 6.47 1.58 7.29
N ASP C 118 5.50 0.82 7.73
CA ASP C 118 5.31 0.52 9.12
C ASP C 118 6.45 -0.15 9.79
N PHE C 119 6.83 0.44 10.92
CA PHE C 119 7.82 -0.07 11.82
C PHE C 119 7.14 -0.45 13.11
N VAL C 120 6.82 0.52 13.95
CA VAL C 120 6.11 0.27 15.18
C VAL C 120 4.90 1.15 15.33
N SER C 121 3.84 0.66 15.93
CA SER C 121 2.67 1.44 16.26
C SER C 121 2.20 1.17 17.70
N LEU C 122 1.80 2.19 18.43
CA LEU C 122 1.34 1.98 19.75
C LEU C 122 -0.07 1.54 19.70
N ASP C 123 -0.40 0.69 20.63
CA ASP C 123 -1.72 0.24 20.89
C ASP C 123 -1.94 0.60 22.34
N LYS C 124 -2.52 1.77 22.59
CA LYS C 124 -2.78 2.29 23.94
C LYS C 124 -3.94 1.68 24.71
N ASN C 125 -4.54 0.62 24.19
CA ASN C 125 -5.58 -0.18 24.73
C ASN C 125 -4.95 -1.28 25.57
N THR C 126 -3.88 -1.88 25.08
CA THR C 126 -3.18 -3.00 25.70
C THR C 126 -1.76 -2.76 26.08
N LEU C 127 -1.37 -1.53 26.06
CA LEU C 127 -0.02 -1.14 26.35
C LEU C 127 1.05 -1.95 25.63
N THR C 128 0.91 -2.07 24.31
CA THR C 128 1.81 -2.78 23.45
C THR C 128 2.13 -2.07 22.14
N TRP C 129 3.21 -2.45 21.52
CA TRP C 129 3.63 -1.89 20.30
C TRP C 129 3.50 -2.94 19.27
N THR C 130 2.88 -2.64 18.15
CA THR C 130 2.75 -3.61 17.07
C THR C 130 3.91 -3.48 16.18
N ALA C 131 4.53 -4.56 15.79
CA ALA C 131 5.69 -4.45 14.95
C ALA C 131 5.37 -5.06 13.62
N ALA C 132 5.86 -4.45 12.58
CA ALA C 132 5.51 -4.91 11.27
C ALA C 132 6.46 -5.87 10.65
N ASN C 133 7.64 -5.89 11.13
CA ASN C 133 8.63 -6.79 10.58
C ASN C 133 9.53 -7.26 11.71
N PRO C 134 10.27 -8.35 11.50
CA PRO C 134 11.20 -8.81 12.54
C PRO C 134 12.16 -7.72 13.00
N GLN C 135 12.46 -6.76 12.14
CA GLN C 135 13.38 -5.68 12.50
C GLN C 135 12.75 -4.70 13.48
N ALA C 136 11.43 -4.67 13.57
CA ALA C 136 10.74 -3.86 14.56
C ALA C 136 10.40 -4.66 15.81
N VAL C 137 10.44 -5.99 15.75
CA VAL C 137 10.17 -6.75 16.97
C VAL C 137 11.28 -6.50 18.00
N ILE C 138 12.51 -6.25 17.54
CA ILE C 138 13.58 -5.89 18.47
C ILE C 138 13.22 -4.62 19.24
N THR C 139 12.67 -3.62 18.55
CA THR C 139 12.26 -2.40 19.24
C THR C 139 11.01 -2.63 20.09
N LYS C 140 10.08 -3.45 19.62
CA LYS C 140 8.90 -3.77 20.41
C LYS C 140 9.26 -4.36 21.76
N HIS C 141 10.03 -5.45 21.76
CA HIS C 141 10.46 -6.07 23.02
C HIS C 141 11.16 -5.05 23.91
N LYS C 142 12.06 -4.24 23.35
CA LYS C 142 12.82 -3.31 24.19
C LYS C 142 11.91 -2.28 24.81
N TRP C 143 10.99 -1.74 24.04
CA TRP C 143 10.11 -0.69 24.53
C TRP C 143 9.08 -1.23 25.49
N GLU C 144 8.72 -2.50 25.36
CA GLU C 144 7.71 -3.08 26.23
C GLU C 144 8.28 -3.47 27.58
N ALA C 145 9.60 -3.42 27.71
CA ALA C 145 10.31 -3.61 28.96
C ALA C 145 10.71 -2.29 29.60
N LEU C 146 10.35 -1.16 29.00
CA LEU C 146 10.76 0.14 29.51
C LEU C 146 9.58 1.05 29.80
N ALA C 147 8.35 0.56 29.71
CA ALA C 147 7.16 1.38 29.97
C ALA C 147 7.16 2.65 29.10
N VAL C 148 7.40 2.47 27.80
CA VAL C 148 7.31 3.58 26.86
C VAL C 148 5.87 3.78 26.45
N ALA C 149 5.12 2.68 26.33
CA ALA C 149 3.69 2.78 26.10
C ALA C 149 3.02 3.65 27.14
N GLU C 150 3.41 3.48 28.41
CA GLU C 150 2.77 4.20 29.49
C GLU C 150 2.94 5.70 29.33
N GLN C 151 4.19 6.14 29.11
CA GLN C 151 4.43 7.56 28.91
C GLN C 151 3.62 8.09 27.73
N ASN C 152 3.73 7.42 26.57
CA ASN C 152 3.03 7.88 25.37
C ASN C 152 1.52 7.91 25.59
N LYS C 153 1.00 6.90 26.26
CA LYS C 153 -0.44 6.84 26.51
C LYS C 153 -0.89 8.01 27.37
N GLY C 154 -0.15 8.28 28.45
CA GLY C 154 -0.46 9.44 29.26
C GLY C 154 -0.35 10.74 28.49
N TYR C 155 0.68 10.85 27.65
CA TYR C 155 0.78 12.03 26.80
C TYR C 155 -0.44 12.17 25.91
N LEU C 156 -0.83 11.07 25.26
CA LEU C 156 -1.91 11.16 24.29
C LEU C 156 -3.27 11.40 24.93
N GLU C 157 -3.50 10.91 26.13
CA GLU C 157 -4.76 11.02 26.78
C GLU C 157 -4.90 12.20 27.67
N ASN C 158 -3.81 12.67 28.17
CA ASN C 158 -3.86 13.75 29.12
C ASN C 158 -3.26 15.05 28.62
N THR C 159 -1.96 15.09 28.58
CA THR C 159 -1.15 16.17 28.11
C THR C 159 -1.47 16.68 26.74
N CYS C 160 -1.61 15.80 25.73
CA CYS C 160 -1.93 16.26 24.37
C CYS C 160 -3.35 16.85 24.28
N ILE C 161 -4.29 16.31 25.03
CA ILE C 161 -5.65 16.85 25.01
C ILE C 161 -5.70 18.18 25.76
N GLU C 162 -4.92 18.27 26.84
CA GLU C 162 -4.85 19.51 27.60
C GLU C 162 -4.25 20.61 26.74
N TRP C 163 -3.27 20.28 25.90
CA TRP C 163 -2.71 21.29 25.02
C TRP C 163 -3.60 21.58 23.82
N LEU C 164 -4.32 20.57 23.30
CA LEU C 164 -5.30 20.81 22.25
C LEU C 164 -6.43 21.75 22.72
N LYS C 165 -6.80 21.69 24.00
CA LYS C 165 -7.85 22.55 24.51
C LYS C 165 -7.39 24.00 24.59
N LYS C 166 -6.18 24.25 25.10
CA LYS C 166 -5.66 25.60 25.11
C LYS C 166 -5.60 26.16 23.70
N TYR C 167 -5.03 25.37 22.78
CA TYR C 167 -4.92 25.80 21.39
C TYR C 167 -6.28 26.09 20.78
N VAL C 168 -7.27 25.24 21.07
CA VAL C 168 -8.59 25.46 20.50
C VAL C 168 -9.11 26.83 20.92
N ALA C 169 -8.85 27.21 22.18
CA ALA C 169 -9.28 28.52 22.63
C ALA C 169 -8.51 29.64 21.93
N TYR C 170 -7.18 29.50 21.82
CA TYR C 170 -6.36 30.53 21.17
C TYR C 170 -6.86 30.84 19.76
N GLY C 171 -7.16 29.81 18.98
CA GLY C 171 -7.52 29.99 17.59
C GLY C 171 -8.99 29.78 17.33
N LYS C 172 -9.82 29.97 18.37
CA LYS C 172 -11.27 29.81 18.29
C LYS C 172 -11.85 30.35 16.98
N ASP C 173 -11.58 31.63 16.68
CA ASP C 173 -12.00 32.30 15.45
C ASP C 173 -11.76 31.44 14.21
N THR C 174 -10.48 31.20 13.90
CA THR C 174 -10.10 30.40 12.76
C THR C 174 -10.59 28.96 12.90
N LEU C 175 -10.22 28.30 14.01
CA LEU C 175 -10.43 26.86 14.13
C LEU C 175 -11.90 26.47 13.99
N GLU C 176 -12.83 27.35 14.33
CA GLU C 176 -14.24 27.00 14.26
C GLU C 176 -15.01 27.77 13.20
N ARG C 177 -14.30 28.51 12.34
CA ARG C 177 -14.94 29.10 11.17
C ARG C 177 -15.64 28.02 10.36
N LYS C 178 -16.70 28.41 9.66
CA LYS C 178 -17.43 27.53 8.76
C LYS C 178 -17.69 28.35 7.51
N VAL C 179 -17.11 27.93 6.38
CA VAL C 179 -17.23 28.66 5.12
C VAL C 179 -17.92 27.77 4.11
N SER C 180 -18.89 28.35 3.38
CA SER C 180 -19.67 27.54 2.45
C SER C 180 -18.99 27.48 1.09
N PRO C 181 -19.25 26.46 0.29
CA PRO C 181 -18.60 26.33 -1.02
C PRO C 181 -19.13 27.34 -2.04
N GLN C 182 -18.28 27.61 -3.02
CA GLN C 182 -18.63 28.42 -4.19
C GLN C 182 -18.81 27.45 -5.36
N VAL C 183 -20.04 27.31 -5.85
CA VAL C 183 -20.37 26.24 -6.79
C VAL C 183 -20.62 26.79 -8.19
N SER C 184 -20.26 25.98 -9.18
CA SER C 184 -20.39 26.36 -10.56
C SER C 184 -20.39 25.12 -11.44
N LEU C 185 -21.13 25.21 -12.53
CA LEU C 185 -21.19 24.18 -13.56
C LEU C 185 -20.29 24.57 -14.71
N LEU C 186 -19.42 23.66 -15.11
CA LEU C 186 -18.43 23.95 -16.13
C LEU C 186 -18.62 23.02 -17.32
N GLN C 187 -18.21 23.53 -18.47
CA GLN C 187 -18.13 22.78 -19.72
C GLN C 187 -17.09 23.46 -20.58
N LYS C 188 -16.33 22.69 -21.36
CA LYS C 188 -15.34 23.25 -22.28
C LYS C 188 -15.84 23.42 -23.71
N ASP C 189 -16.46 22.40 -24.28
CA ASP C 189 -17.11 22.41 -25.58
C ASP C 189 -18.59 22.19 -25.34
N PRO C 190 -19.45 22.59 -26.28
CA PRO C 190 -20.88 22.28 -26.12
C PRO C 190 -21.17 20.79 -26.21
N SER C 191 -20.15 19.99 -26.50
CA SER C 191 -20.22 18.54 -26.48
C SER C 191 -19.52 17.91 -25.29
N SER C 192 -18.57 18.62 -24.66
CA SER C 192 -17.84 18.12 -23.50
C SER C 192 -18.79 17.77 -22.36
N PRO C 193 -18.35 16.90 -21.45
CA PRO C 193 -19.16 16.62 -20.26
C PRO C 193 -19.31 17.84 -19.36
N VAL C 194 -20.07 17.71 -18.28
CA VAL C 194 -20.37 18.82 -17.39
C VAL C 194 -19.78 18.53 -16.01
N THR C 195 -19.24 19.55 -15.38
CA THR C 195 -18.42 19.38 -14.19
C THR C 195 -18.96 20.27 -13.07
N CYS C 196 -19.40 19.65 -11.99
CA CYS C 196 -19.84 20.39 -10.82
C CYS C 196 -18.62 20.64 -9.94
N HIS C 197 -18.22 21.91 -9.81
CA HIS C 197 -17.01 22.31 -9.12
C HIS C 197 -17.40 23.07 -7.85
N ALA C 198 -16.87 22.65 -6.72
CA ALA C 198 -17.16 23.30 -5.45
C ALA C 198 -15.85 23.61 -4.76
N THR C 199 -15.70 24.84 -4.27
CA THR C 199 -14.40 25.27 -3.78
C THR C 199 -14.58 26.34 -2.72
N GLY C 200 -13.53 26.53 -1.92
CA GLY C 200 -13.49 27.56 -0.90
C GLY C 200 -14.16 27.20 0.42
N PHE C 201 -14.58 25.95 0.60
CA PHE C 201 -15.35 25.54 1.76
C PHE C 201 -14.45 24.98 2.85
N TYR C 202 -14.86 25.16 4.12
CA TYR C 202 -14.19 24.59 5.30
C TYR C 202 -15.25 24.32 6.35
N PRO C 203 -15.25 23.13 6.99
CA PRO C 203 -14.26 22.07 6.80
C PRO C 203 -14.52 21.18 5.58
N SER C 204 -13.70 20.13 5.45
CA SER C 204 -13.52 19.42 4.19
C SER C 204 -14.71 18.53 3.82
N GLY C 205 -15.64 18.29 4.73
CA GLY C 205 -16.75 17.40 4.45
C GLY C 205 -17.76 18.02 3.50
N VAL C 206 -17.83 17.46 2.29
CA VAL C 206 -18.71 17.95 1.22
C VAL C 206 -19.27 16.75 0.46
N THR C 207 -20.53 16.86 0.02
CA THR C 207 -21.15 15.81 -0.77
C THR C 207 -21.69 16.42 -2.05
N ILE C 208 -21.28 15.87 -3.18
CA ILE C 208 -21.61 16.39 -4.50
C ILE C 208 -22.40 15.32 -5.23
N THR C 209 -23.66 15.59 -5.51
CA THR C 209 -24.58 14.63 -6.11
C THR C 209 -25.20 15.20 -7.38
N TRP C 210 -25.26 14.36 -8.41
CA TRP C 210 -25.94 14.67 -9.65
C TRP C 210 -27.35 14.11 -9.61
N GLN C 211 -28.32 14.93 -10.02
CA GLN C 211 -29.71 14.51 -10.03
C GLN C 211 -30.27 14.55 -11.45
N LYS C 212 -31.22 13.64 -11.70
CA LYS C 212 -32.03 13.63 -12.93
C LYS C 212 -33.47 13.88 -12.50
N ASN C 213 -33.94 15.10 -12.75
CA ASN C 213 -35.31 15.52 -12.42
C ASN C 213 -35.63 15.30 -10.94
N GLY C 214 -34.78 15.86 -10.08
CA GLY C 214 -35.02 15.90 -8.65
C GLY C 214 -34.70 14.62 -7.91
N GLN C 215 -34.29 13.57 -8.61
CA GLN C 215 -33.92 12.30 -7.99
C GLN C 215 -32.47 12.00 -8.31
N ASP C 216 -31.82 11.19 -7.46
CA ASP C 216 -30.37 11.05 -7.48
C ASP C 216 -29.90 10.07 -8.56
N HIS C 217 -28.92 10.49 -9.36
CA HIS C 217 -28.47 9.78 -10.55
C HIS C 217 -26.99 9.44 -10.39
N ASP C 218 -26.69 8.23 -9.94
CA ASP C 218 -25.32 7.82 -9.66
C ASP C 218 -24.62 7.18 -10.85
N GLU C 219 -25.24 7.18 -12.03
CA GLU C 219 -24.68 6.56 -13.23
C GLU C 219 -23.99 7.61 -14.09
N ASP C 220 -22.87 7.22 -14.69
CA ASP C 220 -22.09 8.08 -15.60
C ASP C 220 -21.53 9.31 -14.88
N VAL C 221 -21.28 9.16 -13.58
CA VAL C 221 -20.71 10.21 -12.72
C VAL C 221 -19.30 9.79 -12.32
N ASP C 222 -18.35 10.73 -12.37
CA ASP C 222 -17.02 10.54 -11.82
C ASP C 222 -16.78 11.58 -10.71
N LEU C 223 -16.73 11.10 -9.46
CA LEU C 223 -16.45 11.96 -8.30
C LEU C 223 -14.95 12.18 -8.17
N GLY C 224 -14.54 13.44 -8.27
CA GLY C 224 -13.13 13.76 -8.13
C GLY C 224 -12.68 13.69 -6.69
N GLU C 225 -11.38 13.79 -6.49
CA GLU C 225 -10.90 13.70 -5.12
C GLU C 225 -10.98 15.06 -4.43
N LEU C 226 -10.94 15.02 -3.12
CA LEU C 226 -10.86 16.24 -2.35
C LEU C 226 -9.42 16.75 -2.43
N LEU C 227 -9.26 18.04 -2.72
CA LEU C 227 -7.97 18.67 -2.91
C LEU C 227 -7.93 19.98 -2.14
N PRO C 228 -6.75 20.40 -1.72
CA PRO C 228 -6.64 21.62 -0.92
C PRO C 228 -6.42 22.89 -1.74
N ASN C 229 -7.00 23.98 -1.24
CA ASN C 229 -6.66 25.27 -1.81
C ASN C 229 -5.57 25.87 -0.92
N GLU C 230 -5.21 27.12 -1.18
CA GLU C 230 -4.05 27.73 -0.53
C GLU C 230 -4.28 28.43 0.81
N ASP C 231 -5.55 28.55 1.26
CA ASP C 231 -5.92 29.32 2.44
C ASP C 231 -6.52 28.44 3.53
N GLY C 232 -6.33 27.14 3.43
CA GLY C 232 -6.96 26.20 4.33
C GLY C 232 -8.27 25.63 3.84
N SER C 233 -8.92 26.27 2.88
CA SER C 233 -10.14 25.70 2.34
C SER C 233 -9.79 24.51 1.47
N PHE C 234 -10.83 23.91 0.88
CA PHE C 234 -10.67 22.74 0.04
C PHE C 234 -11.53 22.90 -1.21
N GLN C 235 -11.33 22.00 -2.16
CA GLN C 235 -12.16 21.98 -3.34
C GLN C 235 -12.40 20.54 -3.77
N ARG C 236 -13.54 20.33 -4.41
CA ARG C 236 -13.90 19.04 -4.96
C ARG C 236 -14.81 19.27 -6.14
N MET C 237 -14.70 18.39 -7.12
CA MET C 237 -15.43 18.47 -8.37
C MET C 237 -16.00 17.11 -8.71
N SER C 238 -17.04 17.13 -9.54
CA SER C 238 -17.73 15.92 -9.97
C SER C 238 -18.16 16.12 -11.41
N THR C 239 -18.05 15.06 -12.20
CA THR C 239 -18.22 15.16 -13.64
C THR C 239 -19.27 14.18 -14.11
N LEU C 240 -20.25 14.70 -14.85
CA LEU C 240 -21.30 13.90 -15.46
C LEU C 240 -21.03 13.76 -16.95
N ASN C 241 -20.94 12.52 -17.42
CA ASN C 241 -20.69 12.27 -18.85
C ASN C 241 -21.79 12.46 -19.89
N VAL C 242 -22.85 11.65 -19.81
CA VAL C 242 -24.00 11.78 -20.70
C VAL C 242 -23.85 12.60 -21.99
N ASP C 245 -28.65 13.08 -26.15
CA ASP C 245 -30.01 12.52 -26.23
C ASP C 245 -30.53 12.15 -24.85
N GLU C 246 -29.60 11.92 -23.90
CA GLU C 246 -29.96 11.90 -22.50
C GLU C 246 -29.90 13.30 -21.91
N TRP C 247 -29.09 14.19 -22.49
CA TRP C 247 -28.91 15.53 -21.94
C TRP C 247 -30.01 16.49 -22.37
N LYS C 248 -30.60 16.31 -23.55
CA LYS C 248 -31.67 17.20 -23.99
C LYS C 248 -32.98 16.90 -23.29
N ASN C 249 -33.29 15.62 -23.11
CA ASN C 249 -34.62 15.16 -22.79
C ASN C 249 -34.90 15.09 -21.29
N ASN C 250 -33.88 15.16 -20.45
CA ASN C 250 -34.04 15.24 -19.02
C ASN C 250 -33.35 16.50 -18.52
N ARG C 251 -33.83 17.00 -17.38
CA ARG C 251 -33.26 18.17 -16.71
C ARG C 251 -32.29 17.68 -15.65
N PHE C 252 -31.01 17.90 -15.90
CA PHE C 252 -29.96 17.51 -14.97
C PHE C 252 -29.59 18.70 -14.09
N SER C 253 -29.29 18.41 -12.82
CA SER C 253 -28.90 19.42 -11.85
C SER C 253 -27.82 18.84 -10.95
N CYS C 254 -27.01 19.72 -10.39
CA CYS C 254 -26.02 19.37 -9.39
C CYS C 254 -26.40 19.94 -8.03
N VAL C 255 -26.23 19.14 -7.00
CA VAL C 255 -26.46 19.58 -5.62
C VAL C 255 -25.23 19.25 -4.81
N VAL C 256 -24.68 20.26 -4.14
CA VAL C 256 -23.57 20.07 -3.21
C VAL C 256 -24.09 20.37 -1.81
N GLU C 257 -23.95 19.41 -0.92
CA GLU C 257 -24.29 19.61 0.48
C GLU C 257 -23.00 19.81 1.28
N HIS C 258 -23.05 20.76 2.21
CA HIS C 258 -21.89 21.09 3.03
C HIS C 258 -22.39 21.66 4.34
N GLN C 259 -22.01 21.02 5.44
CA GLN C 259 -22.53 21.39 6.76
C GLN C 259 -24.07 21.26 6.77
N ASP C 260 -24.56 20.23 6.07
CA ASP C 260 -25.97 20.03 5.79
C ASP C 260 -26.70 21.32 5.42
N LYS C 261 -26.03 22.17 4.64
CA LYS C 261 -26.63 23.21 3.82
C LYS C 261 -26.58 22.76 2.36
N THR C 262 -27.54 23.21 1.56
CA THR C 262 -27.66 22.73 0.19
C THR C 262 -27.63 23.91 -0.78
N ILE C 263 -26.73 23.83 -1.77
CA ILE C 263 -26.68 24.75 -2.90
C ILE C 263 -26.97 23.93 -4.15
N ARG C 264 -27.66 24.54 -5.11
CA ARG C 264 -28.07 23.84 -6.32
C ARG C 264 -27.71 24.64 -7.55
N LYS C 265 -27.27 23.93 -8.59
CA LYS C 265 -27.03 24.54 -9.88
C LYS C 265 -27.72 23.69 -10.94
N THR C 266 -28.18 24.37 -12.00
CA THR C 266 -28.93 23.74 -13.09
C THR C 266 -28.28 24.08 -14.42
N GLU C 267 -28.88 23.60 -15.51
CA GLU C 267 -28.32 23.83 -16.84
C GLU C 267 -28.05 25.30 -17.12
N ASP C 268 -28.91 26.19 -16.60
CA ASP C 268 -28.77 27.63 -16.87
C ASP C 268 -27.51 28.23 -16.25
N ASP C 269 -26.94 27.61 -15.22
CA ASP C 269 -25.75 28.10 -14.55
C ASP C 269 -24.44 27.74 -15.28
N ILE C 270 -24.49 27.03 -16.41
CA ILE C 270 -23.26 26.51 -17.03
C ILE C 270 -22.45 27.64 -17.64
N ILE C 271 -21.15 27.65 -17.35
CA ILE C 271 -20.22 28.64 -17.88
C ILE C 271 -19.10 27.92 -18.64
N THR C 272 -18.47 28.66 -19.56
CA THR C 272 -17.46 28.08 -20.45
C THR C 272 -16.51 29.18 -20.89
N ASN C 273 -15.37 28.76 -21.44
CA ASN C 273 -14.41 29.70 -22.03
C ASN C 273 -14.72 29.98 -23.51
N ARG D 2 13.90 2.12 -1.71
CA ARG D 2 12.45 2.30 -1.88
C ARG D 2 12.16 3.66 -2.51
N GLN D 3 11.52 3.66 -3.67
CA GLN D 3 11.36 4.90 -4.41
C GLN D 3 9.95 4.96 -4.96
N SER D 4 9.37 6.16 -4.94
CA SER D 4 8.01 6.37 -5.37
C SER D 4 7.93 7.66 -6.17
N ASP D 5 7.24 7.63 -7.31
CA ASP D 5 7.20 8.83 -8.13
C ASP D 5 6.22 9.84 -7.54
N PRO D 6 6.46 11.12 -7.76
CA PRO D 6 5.48 12.13 -7.32
C PRO D 6 4.26 12.08 -8.21
N LYS D 7 3.10 12.29 -7.59
CA LYS D 7 1.85 12.54 -8.27
C LYS D 7 1.64 14.04 -8.26
N VAL D 8 1.36 14.61 -9.42
CA VAL D 8 1.39 16.05 -9.60
C VAL D 8 0.05 16.48 -10.14
N GLN D 9 -0.69 17.23 -9.34
CA GLN D 9 -1.97 17.80 -9.77
C GLN D 9 -1.82 19.31 -9.80
N VAL D 10 -2.01 19.91 -10.97
CA VAL D 10 -2.00 21.35 -11.13
C VAL D 10 -3.43 21.78 -11.37
N TYR D 11 -3.89 22.77 -10.60
CA TYR D 11 -5.26 23.24 -10.78
C TYR D 11 -5.35 24.66 -10.26
N SER D 12 -6.48 25.30 -10.55
CA SER D 12 -6.78 26.63 -10.06
C SER D 12 -7.73 26.52 -8.89
N ARG D 13 -7.62 27.47 -7.95
CA ARG D 13 -8.49 27.44 -6.79
C ARG D 13 -9.94 27.61 -7.20
N ASN D 14 -10.22 28.65 -7.96
CA ASN D 14 -11.50 28.96 -8.54
C ASN D 14 -11.51 28.49 -9.98
N PRO D 15 -12.67 28.34 -10.60
CA PRO D 15 -12.50 27.98 -11.98
C PRO D 15 -11.59 28.90 -12.78
N GLY D 16 -11.06 28.38 -13.86
CA GLY D 16 -10.15 29.09 -14.69
C GLY D 16 -10.70 29.78 -15.87
N GLU D 17 -11.66 30.65 -15.64
CA GLU D 17 -12.34 31.37 -16.64
C GLU D 17 -11.38 32.46 -17.02
N TYR D 18 -11.09 32.55 -18.29
CA TYR D 18 -10.13 33.52 -18.80
C TYR D 18 -10.47 34.91 -18.30
N GLY D 19 -9.45 35.63 -17.81
CA GLY D 19 -9.59 37.03 -17.49
C GLY D 19 -9.88 37.36 -16.04
N LYS D 20 -10.15 36.37 -15.19
CA LYS D 20 -10.42 36.64 -13.78
C LYS D 20 -9.19 36.30 -12.95
N ALA D 21 -8.90 37.13 -11.96
CA ALA D 21 -7.80 36.83 -11.05
C ALA D 21 -8.13 35.53 -10.32
N ASN D 22 -7.10 34.73 -10.09
CA ASN D 22 -7.27 33.40 -9.57
C ASN D 22 -5.96 33.00 -8.89
N VAL D 23 -5.91 31.77 -8.39
CA VAL D 23 -4.72 31.20 -7.76
C VAL D 23 -4.40 29.89 -8.47
N LEU D 24 -3.16 29.77 -8.93
CA LEU D 24 -2.64 28.55 -9.55
C LEU D 24 -1.99 27.71 -8.46
N ILE D 25 -2.37 26.42 -8.40
CA ILE D 25 -2.00 25.54 -7.29
C ILE D 25 -1.35 24.28 -7.84
N CYS D 26 -0.30 23.81 -7.17
CA CYS D 26 0.40 22.57 -7.51
C CYS D 26 0.52 21.66 -6.28
N TYR D 27 -0.33 20.61 -6.24
CA TYR D 27 -0.32 19.60 -5.18
C TYR D 27 0.56 18.43 -5.60
N VAL D 28 1.60 18.15 -4.81
CA VAL D 28 2.62 17.17 -5.15
C VAL D 28 2.67 16.15 -4.04
N SER D 29 2.45 14.87 -4.37
CA SER D 29 2.18 13.91 -3.30
C SER D 29 2.60 12.52 -3.71
N GLY D 30 2.96 11.71 -2.71
CA GLY D 30 3.21 10.29 -2.89
C GLY D 30 4.61 9.96 -3.35
N PHE D 31 5.56 10.85 -3.13
CA PHE D 31 6.92 10.63 -3.57
C PHE D 31 7.77 10.14 -2.40
N HIS D 32 8.86 9.45 -2.76
CA HIS D 32 9.79 8.95 -1.77
C HIS D 32 11.05 8.63 -2.54
N PRO D 33 12.24 9.04 -2.07
CA PRO D 33 12.53 9.89 -0.92
C PRO D 33 12.03 11.34 -1.12
N PRO D 34 12.03 12.15 -0.05
CA PRO D 34 11.28 13.41 -0.10
C PRO D 34 12.01 14.58 -0.73
N ASP D 35 13.27 14.48 -1.17
CA ASP D 35 13.90 15.63 -1.84
C ASP D 35 13.18 16.01 -3.12
N ILE D 36 12.51 17.15 -3.13
CA ILE D 36 11.67 17.50 -4.28
C ILE D 36 11.68 19.02 -4.47
N THR D 37 11.58 19.43 -5.73
CA THR D 37 11.50 20.86 -6.04
C THR D 37 10.34 21.11 -6.96
N ILE D 38 9.75 22.29 -6.80
CA ILE D 38 8.48 22.63 -7.44
C ILE D 38 8.56 24.06 -7.95
N GLN D 39 8.17 24.27 -9.21
CA GLN D 39 8.16 25.60 -9.80
C GLN D 39 6.85 25.80 -10.56
N LEU D 40 6.29 26.99 -10.44
CA LEU D 40 5.15 27.39 -11.25
C LEU D 40 5.64 28.43 -12.24
N LEU D 41 5.25 28.27 -13.50
CA LEU D 41 5.81 29.00 -14.62
C LEU D 41 4.70 29.44 -15.56
N LYS D 42 4.89 30.61 -16.16
CA LYS D 42 4.03 31.13 -17.21
C LYS D 42 4.89 31.30 -18.44
N ASN D 43 4.55 30.59 -19.52
CA ASN D 43 5.36 30.59 -20.75
C ASN D 43 6.85 30.43 -20.45
N GLY D 44 7.16 29.48 -19.57
CA GLY D 44 8.53 29.11 -19.34
C GLY D 44 9.28 30.03 -18.41
N VAL D 45 8.60 30.97 -17.77
CA VAL D 45 9.20 31.88 -16.80
C VAL D 45 8.52 31.65 -15.45
N GLU D 46 9.34 31.43 -14.43
CA GLU D 46 8.82 31.25 -13.08
C GLU D 46 8.02 32.47 -12.63
N ILE D 47 6.79 32.24 -12.20
CA ILE D 47 6.01 33.36 -11.65
C ILE D 47 6.58 33.72 -10.29
N PRO D 48 6.95 34.97 -10.06
CA PRO D 48 7.56 35.32 -8.77
C PRO D 48 6.51 35.50 -7.69
N GLY D 49 6.93 35.24 -6.45
CA GLY D 49 6.04 35.36 -5.32
C GLY D 49 5.28 34.11 -4.94
N SER D 50 5.72 32.95 -5.39
CA SER D 50 5.03 31.71 -5.04
C SER D 50 5.36 31.31 -3.61
N THR D 51 4.49 30.48 -3.02
CA THR D 51 4.64 29.96 -1.67
C THR D 51 4.67 28.43 -1.73
N GLN D 52 5.41 27.83 -0.81
CA GLN D 52 5.49 26.38 -0.68
C GLN D 52 5.24 25.94 0.75
N THR D 53 4.30 25.04 0.93
CA THR D 53 4.07 24.53 2.27
C THR D 53 5.27 23.72 2.74
N ASP D 54 5.28 23.37 4.02
CA ASP D 54 6.36 22.57 4.55
C ASP D 54 6.09 21.08 4.38
N LEU D 55 7.14 20.31 4.41
CA LEU D 55 7.09 18.86 4.29
C LEU D 55 6.19 18.29 5.35
N ALA D 56 5.26 17.43 4.96
CA ALA D 56 4.30 16.86 5.83
C ALA D 56 3.73 15.62 5.28
N PHE D 57 3.31 14.74 6.14
CA PHE D 57 2.74 13.50 5.68
C PHE D 57 1.44 13.22 6.36
N GLU D 58 0.72 12.30 5.80
CA GLU D 58 -0.53 11.85 6.30
C GLU D 58 -0.44 10.39 6.75
N GLU D 59 -1.55 9.90 7.31
CA GLU D 59 -1.68 8.51 7.69
C GLU D 59 -1.20 7.82 6.42
N GLY D 60 -0.71 6.60 6.53
CA GLY D 60 -0.15 5.96 5.38
C GLY D 60 1.18 6.40 4.83
N TRP D 61 1.69 7.55 5.30
CA TRP D 61 3.08 8.02 5.21
C TRP D 61 3.41 8.69 3.87
N GLN D 62 2.39 9.10 3.13
CA GLN D 62 2.59 9.71 1.82
C GLN D 62 2.92 11.18 2.05
N PHE D 63 4.09 11.61 1.55
CA PHE D 63 4.45 13.04 1.61
C PHE D 63 3.55 13.86 0.69
N HIS D 64 3.42 15.14 1.03
CA HIS D 64 2.74 16.06 0.15
C HIS D 64 3.29 17.47 0.38
N LEU D 65 3.13 18.30 -0.64
CA LEU D 65 3.52 19.71 -0.66
C LEU D 65 2.63 20.42 -1.64
N THR D 66 2.37 21.69 -1.36
CA THR D 66 1.66 22.56 -2.27
C THR D 66 2.50 23.80 -2.53
N LYS D 67 2.59 24.17 -3.78
CA LYS D 67 3.03 25.50 -4.16
C LYS D 67 1.84 26.21 -4.79
N TYR D 68 1.72 27.51 -4.52
CA TYR D 68 0.66 28.29 -5.12
C TYR D 68 1.17 29.70 -5.41
N VAL D 69 0.47 30.37 -6.31
CA VAL D 69 0.79 31.75 -6.67
C VAL D 69 -0.41 32.35 -7.38
N ASP D 70 -0.61 33.65 -7.17
CA ASP D 70 -1.63 34.40 -7.89
C ASP D 70 -1.40 34.30 -9.39
N PHE D 71 -2.49 34.25 -10.17
CA PHE D 71 -2.36 34.26 -11.62
C PHE D 71 -3.69 34.69 -12.24
N LEU D 72 -3.61 35.09 -13.52
CA LEU D 72 -4.74 35.67 -14.25
C LEU D 72 -4.61 34.99 -15.61
N PRO D 73 -5.36 33.93 -15.85
CA PRO D 73 -5.14 33.17 -17.09
C PRO D 73 -5.86 33.78 -18.29
N GLN D 74 -5.18 33.76 -19.43
CA GLN D 74 -5.67 34.28 -20.70
C GLN D 74 -5.41 33.26 -21.78
N PRO D 75 -6.16 33.31 -22.88
CA PRO D 75 -5.89 32.38 -23.98
C PRO D 75 -4.48 32.55 -24.52
N GLY D 76 -3.90 31.46 -24.96
CA GLY D 76 -2.55 31.44 -25.47
C GLY D 76 -1.48 31.24 -24.42
N GLU D 77 -1.75 31.64 -23.17
CA GLU D 77 -0.80 31.43 -22.08
C GLU D 77 -0.76 29.96 -21.71
N GLU D 78 0.46 29.43 -21.53
CA GLU D 78 0.66 28.08 -21.05
C GLU D 78 1.28 28.15 -19.66
N TYR D 79 0.50 27.74 -18.66
CA TYR D 79 0.95 27.67 -17.27
C TYR D 79 1.33 26.24 -16.95
N THR D 80 2.54 26.05 -16.46
CA THR D 80 3.04 24.71 -16.21
C THR D 80 3.56 24.61 -14.78
N CYS D 81 3.51 23.41 -14.23
CA CYS D 81 4.16 23.10 -12.97
C CYS D 81 5.34 22.21 -13.30
N ARG D 82 6.50 22.50 -12.71
CA ARG D 82 7.70 21.70 -12.92
C ARG D 82 8.17 21.13 -11.59
N VAL D 83 8.26 19.81 -11.51
CA VAL D 83 8.72 19.11 -10.31
C VAL D 83 10.00 18.35 -10.65
N ARG D 84 10.96 18.38 -9.74
CA ARG D 84 12.18 17.60 -9.87
C ARG D 84 12.34 16.73 -8.63
N HIS D 85 12.40 15.42 -8.85
CA HIS D 85 12.54 14.43 -7.79
C HIS D 85 13.99 13.97 -7.71
N MET D 86 14.59 14.13 -6.53
CA MET D 86 16.01 13.80 -6.27
C MET D 86 16.91 14.48 -7.30
N SER D 87 17.77 13.74 -7.99
CA SER D 87 18.58 14.27 -9.06
C SER D 87 18.07 13.82 -10.42
N SER D 88 16.81 13.41 -10.49
CA SER D 88 16.21 13.00 -11.75
C SER D 88 15.97 14.22 -12.63
N PRO D 89 15.72 14.01 -13.93
CA PRO D 89 15.36 15.14 -14.79
C PRO D 89 14.01 15.71 -14.42
N THR D 90 13.90 17.03 -14.52
CA THR D 90 12.68 17.75 -14.23
C THR D 90 11.54 17.32 -15.17
N LYS D 91 10.36 17.11 -14.60
CA LYS D 91 9.16 16.81 -15.38
C LYS D 91 8.17 17.96 -15.28
N SER D 92 7.49 18.23 -16.39
CA SER D 92 6.59 19.36 -16.50
C SER D 92 5.14 18.91 -16.64
N TYR D 93 4.23 19.64 -16.02
CA TYR D 93 2.82 19.32 -16.05
C TYR D 93 2.07 20.62 -16.33
N THR D 94 1.24 20.61 -17.37
CA THR D 94 0.56 21.82 -17.82
C THR D 94 -0.82 21.94 -17.19
N TRP D 95 -1.20 23.16 -16.83
CA TRP D 95 -2.52 23.40 -16.27
C TRP D 95 -3.57 23.42 -17.38
N GLU D 96 -4.57 22.60 -17.25
CA GLU D 96 -5.61 22.62 -18.17
C GLU D 96 -6.83 23.10 -17.43
N PRO D 97 -7.48 24.12 -17.92
CA PRO D 97 -8.70 24.57 -17.29
C PRO D 97 -9.83 23.63 -17.56
N ASP D 98 -10.83 23.62 -16.69
CA ASP D 98 -11.93 22.74 -16.95
C ASP D 98 -13.13 23.50 -17.46
N MET D 99 -12.87 24.62 -18.09
CA MET D 99 -13.87 25.51 -18.58
C MET D 99 -13.81 25.59 -20.07
N PHE E 1 -8.81 -22.48 -18.76
CA PHE E 1 -8.35 -21.99 -20.07
C PHE E 1 -8.50 -20.50 -20.11
N ALA E 2 -7.48 -19.83 -20.62
CA ALA E 2 -7.42 -18.37 -20.51
C ALA E 2 -8.41 -17.68 -21.45
N ASN E 3 -8.75 -16.45 -21.09
CA ASN E 3 -9.68 -15.64 -21.84
C ASN E 3 -8.94 -14.83 -22.87
N PHE E 4 -9.67 -14.41 -23.91
CA PHE E 4 -9.14 -13.46 -24.89
C PHE E 4 -8.81 -12.14 -24.22
N CYS E 5 -7.61 -11.62 -24.49
CA CYS E 5 -7.33 -10.22 -24.20
C CYS E 5 -7.92 -9.45 -25.37
N LEU E 6 -9.10 -8.88 -25.13
CA LEU E 6 -10.03 -8.51 -26.18
C LEU E 6 -9.75 -7.12 -26.76
N MET E 7 -9.35 -6.16 -25.93
CA MET E 7 -9.23 -4.78 -26.38
C MET E 7 -8.20 -4.04 -25.55
N MET E 8 -7.31 -3.33 -26.21
CA MET E 8 -6.32 -2.55 -25.49
C MET E 8 -6.98 -1.40 -24.73
N ILE E 9 -6.32 -0.97 -23.66
CA ILE E 9 -6.84 0.10 -22.82
C ILE E 9 -7.01 1.42 -23.56
N PHE F 1 1.91 20.84 22.17
CA PHE F 1 3.30 20.80 22.59
C PHE F 1 3.80 19.40 22.37
N ALA F 2 4.98 19.26 21.78
CA ALA F 2 5.40 17.92 21.39
C ALA F 2 5.82 17.10 22.60
N ASN F 3 5.64 15.79 22.50
CA ASN F 3 6.12 14.89 23.54
C ASN F 3 7.65 14.85 23.49
N PHE F 4 8.23 14.30 24.56
CA PHE F 4 9.63 13.93 24.52
C PHE F 4 9.81 12.73 23.59
N CYS F 5 10.95 12.70 22.91
CA CYS F 5 11.32 11.47 22.21
C CYS F 5 12.01 10.63 23.28
N LEU F 6 11.24 9.74 23.88
CA LEU F 6 11.60 9.19 25.17
C LEU F 6 12.87 8.35 25.10
N MET F 7 13.00 7.52 24.06
CA MET F 7 14.02 6.48 24.03
C MET F 7 14.22 6.04 22.58
N MET F 8 15.44 5.61 22.27
CA MET F 8 15.76 5.25 20.91
C MET F 8 15.20 3.88 20.55
N ILE F 9 15.21 3.62 19.25
CA ILE F 9 14.74 2.39 18.66
C ILE F 9 15.60 1.19 19.08
#